data_2C1W
#
_entry.id   2C1W
#
_cell.length_a   164.451
_cell.length_b   53.204
_cell.length_c   133.466
_cell.angle_alpha   90.00
_cell.angle_beta   121.86
_cell.angle_gamma   90.00
#
_symmetry.space_group_name_H-M   'C 1 2 1'
#
loop_
_entity.id
_entity.type
_entity.pdbx_description
1 polymer 'ENDOU PROTEIN'
2 non-polymer 'PHOSPHATE ION'
3 water water
#
_entity_poly.entity_id   1
_entity_poly.type   'polypeptide(L)'
_entity_poly.pdbx_seq_one_letter_code
;MASNRGQLNHELSKLFNELWDADQNRMKSGKDYRISLQGKAGYVPAGSNQARDSASFPLFQFVDEEKLKSRKTFATFISL
LDNYEMDTGVAEVVTPEEIAENNNFLDAILETKVMKMAHDYLVRKNQAKPTRNDFKVQLYNIWFQLYSRAPGSRPDSCGF
EHVFVGESKRGQEMMGLHNWVQFYLQEKRKNIDYKGYVARQNKSRPDEDDQVLNLQFNWKEMVKPVGSSFIGVSPEFEFA
LYTIVFLASQEKMSREVVRLEEYELQIVVNRHGRYIGTAYPVLLSTNNPDLY
;
_entity_poly.pdbx_strand_id   A,B,C
#
loop_
_chem_comp.id
_chem_comp.type
_chem_comp.name
_chem_comp.formula
PO4 non-polymer 'PHOSPHATE ION' 'O4 P -3'
#
# COMPACT_ATOMS: atom_id res chain seq x y z
N GLY A 6 2.41 20.29 -8.61
CA GLY A 6 2.72 20.16 -7.16
C GLY A 6 2.16 21.33 -6.34
N GLN A 7 2.79 22.50 -6.47
CA GLN A 7 2.39 23.67 -5.68
C GLN A 7 1.31 24.50 -6.36
N LEU A 8 0.70 25.38 -5.57
CA LEU A 8 -0.37 26.26 -6.05
C LEU A 8 0.16 27.14 -7.18
N ASN A 9 -0.56 27.10 -8.29
CA ASN A 9 -0.22 27.89 -9.45
C ASN A 9 -0.81 29.29 -9.30
N HIS A 10 -0.03 30.12 -8.64
CA HIS A 10 -0.29 31.56 -8.49
CA HIS A 10 -0.15 31.58 -8.56
C HIS A 10 -0.90 32.30 -9.68
N GLU A 11 -0.19 32.47 -10.79
CA GLU A 11 -0.72 33.20 -11.94
C GLU A 11 -2.05 32.65 -12.49
N LEU A 12 -2.24 31.33 -12.49
CA LEU A 12 -3.48 30.73 -12.99
C LEU A 12 -4.67 30.75 -11.99
N SER A 13 -4.42 30.65 -10.69
CA SER A 13 -5.50 30.82 -9.72
C SER A 13 -6.04 32.25 -9.78
N LYS A 14 -5.15 33.17 -10.12
CA LYS A 14 -5.42 34.58 -10.23
C LYS A 14 -6.18 34.90 -11.51
N LEU A 15 -5.67 34.44 -12.65
CA LEU A 15 -6.32 34.67 -13.95
C LEU A 15 -7.70 34.04 -13.95
N PHE A 16 -7.79 32.83 -13.39
CA PHE A 16 -9.05 32.10 -13.38
C PHE A 16 -10.09 32.78 -12.49
N ASN A 17 -9.72 33.07 -11.23
CA ASN A 17 -10.55 33.93 -10.37
C ASN A 17 -11.14 35.15 -11.08
N GLU A 18 -10.34 35.81 -11.92
CA GLU A 18 -10.84 36.90 -12.77
C GLU A 18 -11.90 36.42 -13.76
N LEU A 19 -11.65 35.28 -14.43
CA LEU A 19 -12.60 34.74 -15.39
C LEU A 19 -13.90 34.36 -14.69
N TRP A 20 -13.77 33.92 -13.45
CA TRP A 20 -14.89 33.54 -12.60
C TRP A 20 -15.71 34.79 -12.35
N ASP A 21 -15.02 35.86 -11.94
CA ASP A 21 -15.63 37.17 -11.70
C ASP A 21 -16.30 37.71 -12.99
N ALA A 22 -15.67 37.41 -14.13
CA ALA A 22 -16.12 37.88 -15.45
C ALA A 22 -17.11 36.95 -16.17
N ASP A 23 -17.61 35.92 -15.47
CA ASP A 23 -18.52 34.94 -16.09
C ASP A 23 -19.95 35.48 -16.23
N GLN A 24 -20.12 36.52 -17.04
CA GLN A 24 -21.41 37.17 -17.30
C GLN A 24 -22.52 36.16 -17.54
N ASN A 25 -22.22 35.10 -18.28
CA ASN A 25 -23.24 34.15 -18.77
C ASN A 25 -23.58 33.02 -17.79
N ARG A 26 -22.99 33.09 -16.60
CA ARG A 26 -23.77 33.10 -15.37
C ARG A 26 -23.99 31.78 -14.67
N MET A 27 -24.91 31.00 -15.23
CA MET A 27 -26.16 30.59 -14.48
C MET A 27 -26.12 30.43 -12.96
N LYS A 28 -27.13 31.02 -12.30
CA LYS A 28 -27.09 31.27 -10.87
C LYS A 28 -27.99 30.32 -10.07
N SER A 29 -27.47 29.86 -8.94
CA SER A 29 -28.14 28.90 -8.08
C SER A 29 -29.33 29.52 -7.36
N GLY A 30 -30.51 29.11 -7.78
CA GLY A 30 -31.73 29.55 -7.14
C GLY A 30 -32.69 29.84 -8.25
N LYS A 31 -32.62 31.06 -8.75
CA LYS A 31 -33.52 31.49 -9.80
C LYS A 31 -33.29 30.72 -11.12
N ASP A 32 -32.02 30.39 -11.42
CA ASP A 32 -31.69 29.74 -12.71
C ASP A 32 -31.60 28.25 -12.73
N TYR A 33 -31.23 27.66 -11.61
CA TYR A 33 -31.25 26.21 -11.43
C TYR A 33 -31.34 25.92 -9.95
N ARG A 34 -31.95 24.78 -9.61
CA ARG A 34 -31.98 24.30 -8.23
C ARG A 34 -31.50 22.85 -8.22
N ILE A 35 -30.51 22.54 -7.37
CA ILE A 35 -30.03 21.18 -7.26
C ILE A 35 -30.44 20.52 -5.93
N SER A 36 -30.60 19.21 -5.97
CA SER A 36 -31.02 18.48 -4.79
C SER A 36 -29.95 17.47 -4.43
N LEU A 37 -29.14 17.82 -3.42
CA LEU A 37 -28.00 17.00 -3.01
C LEU A 37 -28.46 15.70 -2.38
N GLN A 38 -29.54 15.78 -1.61
CA GLN A 38 -30.22 14.62 -1.01
C GLN A 38 -29.35 13.89 0.00
N GLY A 39 -28.21 13.35 -0.43
CA GLY A 39 -27.52 12.37 0.43
C GLY A 39 -26.16 11.98 -0.08
N LYS A 40 -25.43 11.18 0.70
CA LYS A 40 -24.06 10.80 0.36
CA LYS A 40 -24.04 10.80 0.39
C LYS A 40 -24.01 9.61 -0.58
N ALA A 41 -23.04 9.64 -1.50
CA ALA A 41 -22.76 8.49 -2.37
C ALA A 41 -22.02 7.41 -1.58
N GLY A 42 -22.64 6.25 -1.44
CA GLY A 42 -22.01 5.11 -0.78
C GLY A 42 -22.06 5.03 0.73
N TYR A 43 -21.26 5.84 1.41
CA TYR A 43 -21.06 5.72 2.85
C TYR A 43 -22.23 6.21 3.71
N VAL A 44 -22.22 5.82 4.98
CA VAL A 44 -23.11 6.35 6.00
C VAL A 44 -22.29 7.29 6.89
N SER A 54 -30.35 8.94 1.08
CA SER A 54 -30.17 8.17 -0.15
C SER A 54 -30.77 8.88 -1.37
N ALA A 55 -29.93 9.37 -2.28
CA ALA A 55 -30.43 9.99 -3.51
C ALA A 55 -31.45 9.09 -4.26
N SER A 56 -32.47 9.73 -4.83
CA SER A 56 -33.55 9.07 -5.54
C SER A 56 -33.94 10.03 -6.67
N PHE A 57 -34.43 11.19 -6.34
CA PHE A 57 -34.58 12.30 -7.29
C PHE A 57 -33.34 12.63 -8.12
N PRO A 58 -33.53 13.20 -9.32
CA PRO A 58 -32.43 13.80 -10.07
C PRO A 58 -31.75 14.89 -9.27
N LEU A 59 -30.45 15.05 -9.55
CA LEU A 59 -29.65 16.13 -9.00
C LEU A 59 -30.23 17.47 -9.35
N PHE A 60 -30.65 17.65 -10.60
CA PHE A 60 -31.06 18.98 -11.06
C PHE A 60 -32.57 19.10 -10.95
N GLN A 61 -33.03 19.67 -9.83
CA GLN A 61 -34.48 19.76 -9.59
C GLN A 61 -35.13 20.75 -10.53
N PHE A 62 -34.35 21.72 -11.01
CA PHE A 62 -34.86 22.72 -11.91
C PHE A 62 -33.70 23.33 -12.66
N VAL A 63 -33.96 23.76 -13.88
CA VAL A 63 -33.07 24.66 -14.63
C VAL A 63 -33.88 25.53 -15.62
N ASP A 64 -33.66 26.84 -15.58
CA ASP A 64 -34.28 27.79 -16.50
C ASP A 64 -34.00 27.41 -17.96
N GLU A 65 -34.93 26.66 -18.54
CA GLU A 65 -34.83 26.20 -19.91
C GLU A 65 -34.73 27.31 -20.96
N GLU A 66 -35.42 28.46 -20.77
CA GLU A 66 -35.39 29.57 -21.74
C GLU A 66 -34.01 30.23 -21.85
N LYS A 67 -33.35 30.41 -20.72
CA LYS A 67 -31.99 30.93 -20.67
C LYS A 67 -31.00 29.99 -21.36
N LEU A 68 -31.22 28.68 -21.20
CA LEU A 68 -30.51 27.66 -21.98
C LEU A 68 -30.93 27.71 -23.44
N LYS A 69 -32.25 27.85 -23.63
CA LYS A 69 -32.93 27.72 -24.92
C LYS A 69 -32.69 28.97 -25.76
N SER A 70 -31.40 29.27 -25.95
CA SER A 70 -30.92 30.49 -26.59
C SER A 70 -31.12 31.75 -25.75
N ARG A 71 -30.68 32.86 -26.31
CA ARG A 71 -30.36 34.07 -25.57
C ARG A 71 -28.91 33.89 -25.07
N LYS A 72 -28.56 32.68 -24.65
CA LYS A 72 -27.22 32.40 -24.10
C LYS A 72 -26.35 31.42 -24.94
N THR A 73 -25.00 31.42 -24.71
CA THR A 73 -23.99 30.47 -25.35
C THR A 73 -24.20 29.01 -24.97
N PHE A 74 -25.14 28.77 -24.07
CA PHE A 74 -25.60 27.43 -23.76
C PHE A 74 -26.34 26.81 -24.91
N ALA A 75 -27.02 27.64 -25.69
CA ALA A 75 -27.75 27.19 -26.87
C ALA A 75 -26.84 26.50 -27.90
N THR A 76 -25.79 27.21 -28.39
CA THR A 76 -24.83 26.65 -29.32
C THR A 76 -24.13 25.40 -28.75
N PHE A 77 -23.77 25.50 -27.49
CA PHE A 77 -23.28 24.39 -26.66
C PHE A 77 -24.22 23.19 -26.64
N ILE A 78 -25.50 23.41 -26.38
CA ILE A 78 -26.44 22.30 -26.30
C ILE A 78 -26.63 21.66 -27.68
N SER A 79 -26.59 22.47 -28.76
CA SER A 79 -26.68 21.97 -30.14
C SER A 79 -25.54 21.05 -30.54
N LEU A 80 -24.38 21.27 -29.97
CA LEU A 80 -23.23 20.37 -30.17
C LEU A 80 -23.41 19.09 -29.32
N LEU A 81 -23.86 19.23 -28.08
CA LEU A 81 -24.13 18.05 -27.25
C LEU A 81 -25.14 17.10 -27.88
N ASP A 82 -26.27 17.65 -28.32
CA ASP A 82 -27.37 16.92 -29.00
C ASP A 82 -26.91 16.23 -30.27
N ASN A 83 -25.98 16.85 -30.99
CA ASN A 83 -25.48 16.29 -32.24
C ASN A 83 -24.88 14.90 -32.04
N TYR A 84 -24.13 14.75 -30.95
CA TYR A 84 -23.51 13.49 -30.58
C TYR A 84 -24.49 12.53 -29.93
N GLU A 85 -25.66 13.04 -29.52
CA GLU A 85 -26.75 12.19 -29.08
C GLU A 85 -27.31 11.41 -30.25
N MET A 86 -27.83 12.13 -31.25
CA MET A 86 -28.34 11.52 -32.47
C MET A 86 -27.31 10.69 -33.27
N ASP A 87 -26.29 11.41 -33.82
CA ASP A 87 -25.00 10.79 -34.24
C ASP A 87 -24.94 10.45 -35.72
N THR A 88 -26.06 10.67 -36.42
CA THR A 88 -26.52 9.74 -37.47
C THR A 88 -25.25 9.96 -38.26
N GLY A 89 -24.65 8.86 -38.70
CA GLY A 89 -23.12 8.88 -38.89
C GLY A 89 -22.02 8.09 -38.17
N VAL A 90 -21.15 7.49 -38.99
CA VAL A 90 -19.81 7.05 -38.57
C VAL A 90 -19.01 8.14 -37.85
N ALA A 91 -17.98 7.75 -37.10
CA ALA A 91 -17.18 8.68 -36.32
C ALA A 91 -16.06 9.41 -37.05
N GLU A 92 -15.59 8.85 -38.17
CA GLU A 92 -14.54 9.52 -38.98
C GLU A 92 -15.11 10.57 -39.93
N VAL A 93 -16.43 10.68 -39.96
CA VAL A 93 -17.07 11.64 -40.83
C VAL A 93 -17.39 12.94 -40.08
N VAL A 94 -16.79 14.03 -40.57
CA VAL A 94 -17.21 15.37 -40.20
C VAL A 94 -18.15 15.93 -41.30
N THR A 95 -19.42 16.11 -40.92
CA THR A 95 -20.50 16.53 -41.82
C THR A 95 -20.58 18.06 -41.86
N PRO A 96 -20.92 18.65 -43.02
CA PRO A 96 -21.16 20.09 -43.10
C PRO A 96 -21.92 20.69 -41.91
N GLU A 97 -22.88 19.94 -41.37
CA GLU A 97 -23.71 20.34 -40.23
C GLU A 97 -22.94 20.52 -38.93
N GLU A 98 -22.17 19.49 -38.57
CA GLU A 98 -21.32 19.52 -37.38
C GLU A 98 -20.35 20.68 -37.48
N ILE A 99 -19.87 20.95 -38.70
CA ILE A 99 -19.00 22.10 -38.92
C ILE A 99 -19.65 23.46 -38.57
N ALA A 100 -20.80 23.77 -39.14
CA ALA A 100 -21.48 25.04 -38.91
C ALA A 100 -21.80 25.21 -37.41
N GLU A 101 -22.20 24.12 -36.74
CA GLU A 101 -22.38 24.07 -35.30
C GLU A 101 -21.11 24.37 -34.52
N ASN A 102 -19.98 23.80 -34.94
CA ASN A 102 -18.65 24.07 -34.33
C ASN A 102 -18.36 25.55 -34.45
N ASN A 103 -18.59 26.05 -35.67
CA ASN A 103 -18.48 27.46 -35.98
C ASN A 103 -19.34 28.42 -35.17
N ASN A 104 -20.62 28.11 -35.04
CA ASN A 104 -21.58 28.87 -34.24
C ASN A 104 -21.18 28.95 -32.76
N PHE A 105 -20.73 27.83 -32.20
CA PHE A 105 -20.18 27.84 -30.86
C PHE A 105 -18.95 28.75 -30.71
N LEU A 106 -17.97 28.54 -31.57
CA LEU A 106 -16.77 29.38 -31.47
C LEU A 106 -17.22 30.81 -31.54
N ASP A 107 -17.98 31.17 -32.57
CA ASP A 107 -18.50 32.52 -32.77
C ASP A 107 -19.06 33.14 -31.51
N ALA A 108 -19.93 32.40 -30.85
CA ALA A 108 -20.63 32.84 -29.67
C ALA A 108 -19.68 33.06 -28.48
N ILE A 109 -18.87 32.05 -28.15
CA ILE A 109 -17.97 32.20 -27.03
C ILE A 109 -16.94 33.33 -27.24
N LEU A 110 -16.47 33.53 -28.48
CA LEU A 110 -15.47 34.55 -28.81
C LEU A 110 -15.92 36.01 -28.60
N GLU A 111 -17.21 36.28 -28.43
CA GLU A 111 -17.64 37.69 -28.26
C GLU A 111 -17.81 38.01 -26.76
N THR A 112 -17.51 36.98 -25.98
CA THR A 112 -17.70 36.89 -24.55
C THR A 112 -16.51 37.62 -23.91
N LYS A 113 -16.69 38.21 -22.71
CA LYS A 113 -15.54 38.84 -22.06
C LYS A 113 -14.57 37.82 -21.42
N VAL A 114 -15.13 36.71 -20.93
CA VAL A 114 -14.32 35.57 -20.46
C VAL A 114 -13.37 35.17 -21.57
N MET A 115 -13.89 34.90 -22.77
CA MET A 115 -13.02 34.49 -23.89
C MET A 115 -12.08 35.57 -24.40
N LYS A 116 -12.51 36.84 -24.36
CA LYS A 116 -11.64 37.95 -24.70
C LYS A 116 -10.53 38.10 -23.67
N MET A 117 -10.88 37.86 -22.41
CA MET A 117 -9.95 37.81 -21.27
C MET A 117 -8.93 36.68 -21.44
N ALA A 118 -9.45 35.46 -21.59
CA ALA A 118 -8.61 34.26 -21.91
C ALA A 118 -7.67 34.59 -23.06
N HIS A 119 -8.23 35.14 -24.13
CA HIS A 119 -7.49 35.54 -25.32
C HIS A 119 -6.36 36.40 -24.88
N ASP A 120 -6.65 37.55 -24.25
CA ASP A 120 -5.63 38.54 -23.80
C ASP A 120 -4.48 37.87 -23.06
N TYR A 121 -4.80 36.97 -22.12
CA TYR A 121 -3.75 36.26 -21.42
C TYR A 121 -2.75 35.59 -22.40
N LEU A 122 -3.28 34.80 -23.33
CA LEU A 122 -2.46 33.92 -24.15
C LEU A 122 -1.69 34.71 -25.20
N VAL A 123 -2.27 35.83 -25.66
CA VAL A 123 -1.54 36.81 -26.48
C VAL A 123 -0.24 37.34 -25.84
N ARG A 124 -0.36 37.78 -24.58
CA ARG A 124 0.72 38.20 -23.73
C ARG A 124 1.88 37.22 -23.62
N LYS A 125 1.55 35.93 -23.74
CA LYS A 125 2.52 34.85 -23.69
C LYS A 125 2.90 34.39 -25.10
N ASN A 126 2.30 35.01 -26.11
CA ASN A 126 2.48 34.59 -27.50
C ASN A 126 2.12 33.12 -27.74
N GLN A 127 1.20 32.63 -26.91
CA GLN A 127 0.56 31.33 -27.02
C GLN A 127 -0.71 31.37 -27.92
N ALA A 128 -1.04 32.57 -28.38
CA ALA A 128 -2.15 32.79 -29.30
C ALA A 128 -1.82 34.09 -30.00
N LYS A 129 -2.38 34.24 -31.19
CA LYS A 129 -2.13 35.42 -32.02
C LYS A 129 -3.22 36.50 -31.79
N PRO A 130 -2.88 37.78 -32.11
CA PRO A 130 -3.79 38.89 -31.77
C PRO A 130 -5.16 38.80 -32.46
N THR A 131 -5.21 38.33 -33.70
CA THR A 131 -6.43 38.39 -34.48
C THR A 131 -7.52 37.39 -33.98
N ARG A 132 -8.77 37.78 -34.13
CA ARG A 132 -9.92 36.97 -33.73
C ARG A 132 -10.02 35.69 -34.60
N ASN A 133 -9.76 35.79 -35.90
CA ASN A 133 -9.96 34.63 -36.75
C ASN A 133 -8.91 33.54 -36.63
N ASP A 134 -7.64 33.92 -36.53
CA ASP A 134 -6.57 32.95 -36.28
C ASP A 134 -6.77 32.21 -34.97
N PHE A 135 -7.04 32.96 -33.90
CA PHE A 135 -7.49 32.40 -32.62
C PHE A 135 -8.66 31.44 -32.78
N LYS A 136 -9.62 31.79 -33.63
CA LYS A 136 -10.74 30.90 -33.89
C LYS A 136 -10.29 29.61 -34.59
N VAL A 137 -9.31 29.73 -35.49
CA VAL A 137 -8.81 28.57 -36.19
C VAL A 137 -8.01 27.76 -35.16
N GLN A 138 -7.01 28.38 -34.53
CA GLN A 138 -6.25 27.72 -33.50
C GLN A 138 -7.19 26.85 -32.62
N LEU A 139 -8.30 27.43 -32.20
CA LEU A 139 -9.25 26.81 -31.24
C LEU A 139 -9.99 25.62 -31.87
N TYR A 140 -10.48 25.82 -33.09
CA TYR A 140 -10.98 24.78 -33.92
C TYR A 140 -10.06 23.57 -33.96
N ASN A 141 -8.79 23.76 -34.28
CA ASN A 141 -7.93 22.59 -34.40
C ASN A 141 -7.68 21.87 -33.07
N ILE A 142 -7.44 22.65 -32.00
CA ILE A 142 -7.18 22.06 -30.70
C ILE A 142 -8.41 21.19 -30.29
N TRP A 143 -9.62 21.70 -30.59
CA TRP A 143 -10.91 21.27 -30.02
C TRP A 143 -11.78 20.46 -30.96
N PHE A 144 -11.86 20.87 -32.22
CA PHE A 144 -12.72 20.19 -33.15
C PHE A 144 -12.03 19.38 -34.25
N GLN A 145 -10.71 19.38 -34.34
CA GLN A 145 -10.03 18.58 -35.38
C GLN A 145 -10.07 17.15 -34.91
N LEU A 146 -10.45 16.21 -35.79
CA LEU A 146 -10.48 14.78 -35.46
C LEU A 146 -9.09 14.20 -35.30
N TYR A 147 -8.90 13.39 -34.25
CA TYR A 147 -7.63 12.70 -34.02
C TYR A 147 -7.82 11.24 -33.58
N SER A 148 -6.77 10.41 -33.65
CA SER A 148 -6.93 8.97 -33.32
C SER A 148 -5.85 8.31 -32.42
N ARG A 149 -6.13 7.10 -31.91
CA ARG A 149 -5.29 6.62 -30.80
CA ARG A 149 -5.32 6.35 -30.89
C ARG A 149 -4.39 5.37 -31.60
N GLY A 152 -2.43 3.39 -33.68
CA GLY A 152 -3.00 3.41 -35.01
C GLY A 152 -3.08 4.81 -35.60
N SER A 153 -3.57 4.90 -36.83
CA SER A 153 -4.36 6.06 -37.25
C SER A 153 -5.86 5.81 -37.17
N ARG A 154 -6.62 6.56 -37.97
CA ARG A 154 -8.07 6.51 -37.95
C ARG A 154 -8.69 7.53 -36.98
N PRO A 155 -8.51 8.81 -37.27
CA PRO A 155 -9.17 9.88 -36.48
C PRO A 155 -10.68 9.69 -36.35
N ASP A 156 -11.13 9.23 -35.18
CA ASP A 156 -12.57 9.04 -34.91
C ASP A 156 -13.14 9.91 -33.79
N SER A 157 -12.37 10.87 -33.30
CA SER A 157 -12.76 11.64 -32.11
C SER A 157 -12.08 12.99 -32.08
N CYS A 158 -12.60 13.90 -31.25
CA CYS A 158 -12.07 15.26 -31.11
C CYS A 158 -12.01 15.73 -29.65
N GLY A 159 -11.43 16.88 -29.40
CA GLY A 159 -11.37 17.42 -28.03
C GLY A 159 -12.70 17.74 -27.37
N PHE A 160 -13.69 18.19 -28.12
CA PHE A 160 -14.95 18.61 -27.50
C PHE A 160 -15.72 17.37 -26.97
N GLU A 161 -15.52 16.25 -27.65
CA GLU A 161 -16.13 15.00 -27.32
C GLU A 161 -15.49 14.40 -26.07
N HIS A 162 -14.17 14.28 -26.04
CA HIS A 162 -13.46 13.90 -24.83
C HIS A 162 -13.93 14.77 -23.63
N VAL A 163 -13.82 16.12 -23.76
CA VAL A 163 -14.09 17.06 -22.61
C VAL A 163 -15.57 17.25 -22.22
N PHE A 164 -16.41 17.56 -23.22
CA PHE A 164 -17.77 17.97 -22.94
C PHE A 164 -18.81 16.94 -23.22
N VAL A 165 -18.61 16.18 -24.30
CA VAL A 165 -19.55 15.14 -24.58
C VAL A 165 -19.41 14.09 -23.48
N GLY A 166 -18.17 13.76 -23.13
CA GLY A 166 -17.94 12.94 -21.94
C GLY A 166 -17.27 11.62 -22.25
N GLU A 167 -17.09 11.32 -23.53
CA GLU A 167 -16.39 10.10 -23.95
C GLU A 167 -15.98 10.18 -25.40
N SER A 168 -14.84 9.57 -25.72
CA SER A 168 -14.22 9.74 -27.02
C SER A 168 -14.97 8.97 -28.10
N LYS A 169 -15.34 7.73 -27.78
CA LYS A 169 -15.33 6.65 -28.77
C LYS A 169 -16.28 6.30 -29.91
N ARG A 170 -17.56 6.23 -29.71
CA ARG A 170 -18.48 7.24 -30.32
CA ARG A 170 -18.49 7.38 -29.97
C ARG A 170 -19.39 7.08 -28.74
N GLY A 171 -18.93 5.91 -28.34
CA GLY A 171 -19.66 4.70 -28.64
C GLY A 171 -19.34 3.64 -27.60
N GLN A 172 -20.08 3.65 -26.50
CA GLN A 172 -19.62 4.29 -25.28
C GLN A 172 -19.08 3.45 -24.13
N GLU A 173 -17.87 3.77 -23.67
CA GLU A 173 -17.28 3.11 -22.57
C GLU A 173 -16.40 4.25 -22.11
N MET A 174 -16.69 4.77 -20.91
CA MET A 174 -18.00 5.34 -20.63
CA MET A 174 -17.94 5.33 -20.56
C MET A 174 -17.93 6.46 -19.59
N MET A 175 -16.98 7.38 -19.78
CA MET A 175 -17.04 8.74 -19.28
C MET A 175 -16.08 9.06 -18.14
N GLY A 176 -15.16 10.00 -18.37
CA GLY A 176 -15.51 11.23 -19.15
C GLY A 176 -16.20 12.52 -18.76
N LEU A 177 -17.31 12.38 -18.07
CA LEU A 177 -18.39 13.32 -18.18
C LEU A 177 -18.52 14.11 -16.91
N HIS A 178 -17.99 15.35 -16.96
CA HIS A 178 -18.00 16.26 -15.80
C HIS A 178 -18.76 17.57 -16.05
N ASN A 179 -19.22 17.84 -17.27
CA ASN A 179 -19.96 19.13 -17.55
C ASN A 179 -21.37 19.05 -16.97
N TRP A 180 -21.81 20.15 -16.36
CA TRP A 180 -23.07 20.13 -15.65
C TRP A 180 -24.24 20.15 -16.62
N VAL A 181 -24.00 20.73 -17.79
CA VAL A 181 -25.03 20.88 -18.80
C VAL A 181 -25.25 19.53 -19.50
N GLN A 182 -24.16 18.82 -19.76
CA GLN A 182 -24.30 17.46 -20.25
C GLN A 182 -24.92 16.51 -19.20
N PHE A 183 -24.55 16.66 -17.92
CA PHE A 183 -25.12 15.87 -16.80
C PHE A 183 -26.63 16.09 -16.80
N TYR A 184 -27.04 17.34 -16.69
CA TYR A 184 -28.44 17.70 -16.82
C TYR A 184 -29.15 17.06 -18.05
N LEU A 185 -28.62 17.26 -19.25
CA LEU A 185 -29.20 16.64 -20.47
C LEU A 185 -29.33 15.11 -20.39
N GLN A 186 -28.21 14.45 -20.08
CA GLN A 186 -28.19 12.98 -19.98
C GLN A 186 -28.99 12.43 -18.79
N GLU A 187 -29.10 13.23 -17.75
CA GLU A 187 -29.96 12.90 -16.62
C GLU A 187 -31.47 12.92 -16.96
N LYS A 188 -31.88 13.94 -17.74
CA LYS A 188 -33.25 14.07 -18.25
C LYS A 188 -33.62 12.87 -19.13
N ARG A 189 -32.68 12.47 -19.99
CA ARG A 189 -32.79 11.32 -20.88
C ARG A 189 -32.73 9.98 -20.17
N LYS A 190 -32.55 10.04 -18.84
CA LYS A 190 -32.50 8.88 -17.94
C LYS A 190 -31.28 7.98 -18.07
N ASN A 191 -30.17 8.49 -18.65
CA ASN A 191 -28.91 7.74 -18.73
C ASN A 191 -27.95 7.93 -17.53
N ILE A 192 -28.23 8.96 -16.74
CA ILE A 192 -27.45 9.30 -15.55
C ILE A 192 -28.32 9.00 -14.29
N ASP A 193 -27.87 8.10 -13.42
CA ASP A 193 -28.54 7.87 -12.09
C ASP A 193 -27.69 8.47 -11.01
N TYR A 194 -28.14 9.58 -10.43
CA TYR A 194 -27.37 10.31 -9.42
C TYR A 194 -27.40 9.55 -8.10
N LYS A 195 -26.23 9.30 -7.53
CA LYS A 195 -26.09 8.41 -6.39
C LYS A 195 -25.81 9.13 -5.09
N GLY A 196 -25.48 10.42 -5.16
CA GLY A 196 -25.14 11.20 -3.99
C GLY A 196 -23.87 12.02 -4.11
N TYR A 197 -23.53 12.74 -3.05
CA TYR A 197 -22.33 13.57 -3.06
C TYR A 197 -21.22 12.90 -2.27
N VAL A 198 -19.99 13.35 -2.51
CA VAL A 198 -18.82 12.80 -1.85
C VAL A 198 -18.08 13.90 -1.07
N ALA A 199 -18.10 13.79 0.25
CA ALA A 199 -17.35 14.69 1.12
C ALA A 199 -16.07 13.99 1.64
N ARG A 200 -15.50 14.54 2.71
CA ARG A 200 -14.41 13.90 3.42
C ARG A 200 -14.79 13.74 4.85
N GLN A 201 -14.18 12.75 5.51
CA GLN A 201 -14.44 12.58 6.94
CA GLN A 201 -14.41 12.54 6.93
C GLN A 201 -13.59 13.49 7.83
N ASN A 202 -14.26 14.29 8.66
CA ASN A 202 -13.80 15.63 8.96
C ASN A 202 -14.10 16.52 7.76
N LYS A 203 -13.78 17.81 7.82
CA LYS A 203 -14.17 18.71 6.72
CA LYS A 203 -14.17 18.71 6.74
C LYS A 203 -15.63 18.51 6.32
N SER A 204 -16.49 19.46 6.71
CA SER A 204 -17.95 19.28 6.62
C SER A 204 -18.67 19.38 5.25
N ARG A 205 -19.98 19.62 5.32
CA ARG A 205 -20.94 19.39 4.22
C ARG A 205 -20.89 20.33 3.01
N PRO A 206 -21.21 19.78 1.81
CA PRO A 206 -21.44 20.64 0.65
C PRO A 206 -22.81 21.32 0.74
N ASP A 207 -23.01 22.32 -0.11
CA ASP A 207 -24.24 23.10 -0.07
C ASP A 207 -24.85 23.17 -1.47
N GLU A 208 -26.20 23.15 -1.52
CA GLU A 208 -26.96 23.29 -2.77
C GLU A 208 -26.46 24.43 -3.66
N ASP A 209 -25.76 25.37 -3.05
CA ASP A 209 -25.35 26.56 -3.74
C ASP A 209 -23.87 26.59 -4.15
N ASP A 210 -23.10 25.60 -3.72
CA ASP A 210 -21.70 25.42 -4.16
C ASP A 210 -21.57 25.30 -5.68
N GLN A 211 -20.46 25.85 -6.22
CA GLN A 211 -20.28 25.97 -7.66
C GLN A 211 -19.24 24.98 -8.15
N VAL A 212 -18.96 23.99 -7.29
CA VAL A 212 -18.07 22.88 -7.60
C VAL A 212 -18.50 21.87 -6.57
N LEU A 213 -18.85 20.68 -7.06
CA LEU A 213 -19.16 19.56 -6.17
C LEU A 213 -18.42 18.33 -6.59
N ASN A 214 -18.16 17.43 -5.63
CA ASN A 214 -17.87 16.02 -5.92
C ASN A 214 -19.11 15.19 -5.88
N LEU A 215 -19.39 14.62 -7.05
CA LEU A 215 -20.65 13.96 -7.37
C LEU A 215 -20.33 12.58 -7.91
N GLN A 216 -21.23 11.64 -7.62
CA GLN A 216 -21.13 10.29 -8.17
C GLN A 216 -22.42 10.00 -8.90
N PHE A 217 -22.30 9.42 -10.10
CA PHE A 217 -23.46 8.97 -10.87
C PHE A 217 -23.16 7.69 -11.65
N ASN A 218 -24.13 6.77 -11.72
CA ASN A 218 -24.06 5.58 -12.64
C ASN A 218 -24.34 6.03 -14.06
N TRP A 219 -23.63 5.44 -15.01
CA TRP A 219 -23.91 5.62 -16.43
C TRP A 219 -24.61 4.40 -17.00
N LYS A 220 -25.89 4.53 -17.34
CA LYS A 220 -26.72 3.40 -17.80
C LYS A 220 -26.49 2.26 -16.85
N GLU A 221 -26.72 2.54 -15.56
CA GLU A 221 -26.65 1.56 -14.45
C GLU A 221 -25.22 1.02 -14.21
N MET A 222 -24.25 1.49 -14.98
CA MET A 222 -22.82 1.20 -14.65
C MET A 222 -22.31 2.13 -13.55
N VAL A 223 -21.89 1.54 -12.44
CA VAL A 223 -21.27 2.20 -11.29
C VAL A 223 -19.86 2.55 -11.70
N LYS A 224 -19.39 3.74 -11.31
CA LYS A 224 -18.10 4.30 -11.86
C LYS A 224 -17.47 5.33 -10.92
N PRO A 225 -16.20 5.74 -11.17
CA PRO A 225 -15.59 6.65 -10.18
C PRO A 225 -16.30 8.01 -9.95
N VAL A 226 -16.34 8.46 -8.70
CA VAL A 226 -16.72 9.82 -8.38
C VAL A 226 -15.89 10.80 -9.27
N GLY A 227 -16.43 11.96 -9.61
CA GLY A 227 -15.63 13.00 -10.29
C GLY A 227 -16.18 14.35 -9.87
N SER A 228 -15.40 15.43 -10.01
CA SER A 228 -15.86 16.81 -9.68
C SER A 228 -16.50 17.48 -10.89
N SER A 229 -17.35 18.45 -10.61
CA SER A 229 -18.07 19.14 -11.66
C SER A 229 -18.24 20.58 -11.22
N PHE A 230 -17.83 21.55 -12.07
CA PHE A 230 -18.31 22.95 -12.00
C PHE A 230 -19.82 22.95 -12.20
N ILE A 231 -20.52 23.84 -11.51
CA ILE A 231 -22.00 23.85 -11.52
C ILE A 231 -22.54 25.26 -11.72
N GLY A 232 -23.31 25.47 -12.78
CA GLY A 232 -23.88 26.78 -13.13
C GLY A 232 -23.00 27.58 -14.09
N VAL A 233 -21.69 27.38 -13.98
CA VAL A 233 -20.70 28.03 -14.80
C VAL A 233 -21.07 27.95 -16.26
N SER A 234 -20.60 28.92 -17.07
CA SER A 234 -20.94 28.95 -18.48
C SER A 234 -20.00 27.98 -19.14
N PRO A 235 -20.35 27.51 -20.35
CA PRO A 235 -19.40 26.67 -21.06
C PRO A 235 -18.19 27.46 -21.60
N GLU A 236 -18.34 28.75 -21.91
CA GLU A 236 -17.14 29.54 -22.23
C GLU A 236 -16.21 29.65 -21.03
N PHE A 237 -16.72 29.38 -19.82
CA PHE A 237 -15.81 29.44 -18.67
C PHE A 237 -14.82 28.25 -18.70
N GLU A 238 -15.35 27.04 -18.73
CA GLU A 238 -14.55 25.82 -18.71
C GLU A 238 -13.66 25.70 -19.92
N PHE A 239 -14.26 25.88 -21.07
CA PHE A 239 -13.56 26.00 -22.30
C PHE A 239 -12.26 26.82 -22.21
N ALA A 240 -12.38 28.06 -21.72
CA ALA A 240 -11.27 28.97 -21.41
C ALA A 240 -10.20 28.35 -20.51
N LEU A 241 -10.64 27.79 -19.39
CA LEU A 241 -9.74 27.25 -18.37
C LEU A 241 -8.97 26.11 -19.01
N TYR A 242 -9.73 25.20 -19.65
CA TYR A 242 -9.12 24.04 -20.29
C TYR A 242 -8.16 24.43 -21.42
N THR A 243 -8.53 25.39 -22.24
CA THR A 243 -7.64 25.88 -23.33
C THR A 243 -6.32 26.41 -22.76
N ILE A 244 -6.42 27.28 -21.76
CA ILE A 244 -5.24 27.89 -21.18
C ILE A 244 -4.31 26.87 -20.53
N VAL A 245 -4.88 25.93 -19.78
CA VAL A 245 -4.07 24.89 -19.19
C VAL A 245 -3.45 24.04 -20.31
N PHE A 246 -4.21 23.75 -21.36
CA PHE A 246 -3.67 23.00 -22.51
C PHE A 246 -2.46 23.63 -23.19
N LEU A 247 -2.46 24.96 -23.24
CA LEU A 247 -1.35 25.68 -23.84
C LEU A 247 -0.17 25.92 -22.89
N ALA A 248 -0.34 25.66 -21.60
CA ALA A 248 0.64 25.99 -20.57
C ALA A 248 1.73 24.91 -20.37
N SER A 249 1.72 23.87 -21.20
CA SER A 249 2.66 22.75 -21.03
C SER A 249 2.71 21.80 -22.20
N GLN A 250 3.90 21.23 -22.34
CA GLN A 250 4.30 20.45 -23.47
C GLN A 250 4.29 18.97 -23.14
N GLU A 251 3.71 18.60 -22.01
CA GLU A 251 3.65 17.19 -21.60
C GLU A 251 2.27 16.58 -21.62
N LYS A 252 2.23 15.26 -21.41
CA LYS A 252 1.02 14.45 -21.60
C LYS A 252 -0.16 14.81 -20.71
N MET A 253 0.14 15.34 -19.54
CA MET A 253 -0.89 15.68 -18.60
C MET A 253 -0.37 16.79 -17.74
N SER A 254 -1.23 17.77 -17.51
CA SER A 254 -1.04 18.73 -16.45
C SER A 254 -2.14 18.61 -15.40
N ARG A 255 -1.74 18.72 -14.14
CA ARG A 255 -2.68 18.84 -13.04
C ARG A 255 -2.35 20.15 -12.29
N GLU A 256 -2.98 21.23 -12.74
CA GLU A 256 -2.62 22.57 -12.28
C GLU A 256 -3.35 22.92 -11.02
N VAL A 257 -2.64 23.10 -9.90
CA VAL A 257 -3.29 23.39 -8.62
C VAL A 257 -3.85 24.82 -8.54
N VAL A 258 -5.17 24.96 -8.48
CA VAL A 258 -5.83 26.26 -8.47
C VAL A 258 -6.59 26.50 -7.16
N ARG A 259 -6.91 27.77 -6.88
CA ARG A 259 -7.80 28.11 -5.77
C ARG A 259 -8.87 29.10 -6.23
N LEU A 260 -9.92 28.61 -6.87
CA LEU A 260 -11.07 29.41 -7.30
C LEU A 260 -12.03 29.65 -6.14
N GLU A 261 -12.26 30.92 -5.83
CA GLU A 261 -13.17 31.30 -4.75
C GLU A 261 -12.77 30.66 -3.42
N GLU A 262 -13.65 29.82 -2.86
CA GLU A 262 -13.35 29.07 -1.65
C GLU A 262 -12.68 27.72 -1.94
N TYR A 263 -13.05 27.12 -3.08
CA TYR A 263 -12.53 25.84 -3.57
C TYR A 263 -11.04 25.87 -3.93
N GLU A 264 -10.29 24.88 -3.43
CA GLU A 264 -8.94 24.56 -3.91
C GLU A 264 -9.06 23.44 -5.00
N LEU A 265 -8.50 23.68 -6.19
CA LEU A 265 -8.77 22.77 -7.32
C LEU A 265 -7.54 22.24 -7.96
N GLN A 266 -7.73 21.22 -8.80
CA GLN A 266 -6.76 20.78 -9.77
C GLN A 266 -7.43 20.88 -11.12
N ILE A 267 -6.80 21.62 -12.03
CA ILE A 267 -7.27 21.70 -13.42
C ILE A 267 -6.47 20.69 -14.22
N VAL A 268 -7.08 19.52 -14.45
CA VAL A 268 -6.43 18.49 -15.27
C VAL A 268 -6.82 18.49 -16.76
N VAL A 269 -5.78 18.39 -17.59
CA VAL A 269 -6.04 18.09 -18.98
C VAL A 269 -5.04 17.07 -19.49
N ASN A 270 -5.54 16.13 -20.29
CA ASN A 270 -4.69 15.18 -21.01
C ASN A 270 -4.45 15.71 -22.41
N ARG A 271 -3.23 15.59 -22.91
CA ARG A 271 -2.91 16.11 -24.24
C ARG A 271 -2.58 14.98 -25.16
N HIS A 272 -2.97 15.13 -26.41
CA HIS A 272 -2.61 14.20 -27.45
C HIS A 272 -1.97 15.04 -28.57
N GLY A 273 -0.69 15.37 -28.40
CA GLY A 273 0.02 16.21 -29.37
C GLY A 273 -0.60 17.60 -29.39
N ARG A 274 -0.99 18.07 -30.58
CA ARG A 274 -1.56 19.41 -30.77
C ARG A 274 -3.05 19.46 -30.46
N TYR A 275 -3.59 18.35 -29.96
CA TYR A 275 -5.01 18.26 -29.66
C TYR A 275 -5.23 17.93 -28.20
N ILE A 276 -6.33 18.44 -27.68
CA ILE A 276 -6.65 18.26 -26.28
C ILE A 276 -7.49 16.95 -26.05
N GLY A 277 -7.34 16.33 -24.87
CA GLY A 277 -8.02 15.09 -24.50
C GLY A 277 -9.00 15.37 -23.39
N THR A 278 -9.18 14.38 -22.53
CA THR A 278 -10.05 14.53 -21.40
C THR A 278 -9.53 15.66 -20.48
N ALA A 279 -10.47 16.46 -19.99
CA ALA A 279 -10.19 17.60 -19.15
C ALA A 279 -11.30 17.71 -18.15
N TYR A 280 -10.93 18.06 -16.91
CA TYR A 280 -11.85 18.15 -15.79
C TYR A 280 -11.26 18.91 -14.57
N PRO A 281 -12.12 19.39 -13.66
CA PRO A 281 -11.60 19.81 -12.35
C PRO A 281 -11.49 18.65 -11.33
N VAL A 282 -10.56 18.80 -10.39
CA VAL A 282 -10.50 17.92 -9.23
C VAL A 282 -10.58 18.76 -7.96
N LEU A 283 -11.66 18.54 -7.19
CA LEU A 283 -11.88 19.25 -5.93
C LEU A 283 -11.00 18.75 -4.76
N LEU A 284 -10.18 19.66 -4.24
CA LEU A 284 -9.30 19.35 -3.10
C LEU A 284 -9.81 19.80 -1.73
N SER A 285 -10.50 20.94 -1.68
CA SER A 285 -11.09 21.50 -0.44
C SER A 285 -12.07 22.63 -0.75
N THR A 286 -12.99 22.90 0.18
CA THR A 286 -14.08 23.84 -0.10
C THR A 286 -14.05 25.16 0.68
N ASN A 287 -14.06 25.12 2.00
CA ASN A 287 -14.07 26.35 2.80
C ASN A 287 -12.64 26.76 3.16
N ASN A 288 -12.03 27.59 2.30
CA ASN A 288 -10.60 27.91 2.38
C ASN A 288 -10.18 29.35 2.69
N PRO A 289 -10.85 30.36 2.08
CA PRO A 289 -10.32 31.73 2.02
C PRO A 289 -9.84 32.33 3.34
N GLY B 6 -7.48 -6.31 24.50
CA GLY B 6 -7.94 -6.47 23.09
C GLY B 6 -8.16 -7.94 22.77
N GLN B 7 -9.38 -8.40 23.03
CA GLN B 7 -9.70 -9.82 22.93
C GLN B 7 -10.92 -10.16 22.08
N LEU B 8 -11.50 -11.34 22.33
CA LEU B 8 -12.51 -11.96 21.47
C LEU B 8 -13.74 -11.10 21.14
N ASN B 9 -13.86 -10.74 19.87
CA ASN B 9 -15.02 -10.04 19.38
C ASN B 9 -16.11 -11.08 19.11
N HIS B 10 -16.98 -11.25 20.10
CA HIS B 10 -18.09 -12.21 20.05
CA HIS B 10 -18.11 -12.18 20.08
C HIS B 10 -19.07 -11.92 18.91
N GLU B 11 -19.33 -10.63 18.68
CA GLU B 11 -20.21 -10.13 17.62
C GLU B 11 -19.78 -10.66 16.25
N LEU B 12 -18.62 -10.24 15.80
CA LEU B 12 -18.11 -10.70 14.52
C LEU B 12 -17.96 -12.25 14.53
N SER B 13 -17.53 -12.83 15.64
CA SER B 13 -17.34 -14.29 15.75
C SER B 13 -18.58 -15.09 15.30
N LYS B 14 -19.72 -14.82 15.95
CA LYS B 14 -20.98 -15.47 15.60
C LYS B 14 -21.33 -15.25 14.13
N LEU B 15 -21.20 -14.01 13.70
CA LEU B 15 -21.57 -13.62 12.36
C LEU B 15 -20.66 -14.18 11.29
N PHE B 16 -19.35 -14.29 11.53
CA PHE B 16 -18.43 -14.81 10.53
C PHE B 16 -18.62 -16.31 10.34
N ASN B 17 -18.87 -17.01 11.44
CA ASN B 17 -19.32 -18.41 11.39
C ASN B 17 -20.65 -18.65 10.65
N GLU B 18 -21.57 -17.73 10.76
CA GLU B 18 -22.82 -17.80 10.00
C GLU B 18 -22.54 -17.60 8.50
N LEU B 19 -21.68 -16.64 8.20
CA LEU B 19 -21.18 -16.46 6.82
C LEU B 19 -20.46 -17.70 6.32
N TRP B 20 -19.68 -18.34 7.21
CA TRP B 20 -18.91 -19.51 6.82
C TRP B 20 -19.83 -20.61 6.30
N ASP B 21 -20.84 -20.94 7.11
CA ASP B 21 -21.90 -21.91 6.79
C ASP B 21 -22.79 -21.49 5.62
N ALA B 22 -22.86 -20.19 5.33
CA ALA B 22 -23.58 -19.81 4.13
C ALA B 22 -22.70 -19.77 2.86
N ASP B 23 -21.43 -20.18 2.95
CA ASP B 23 -20.51 -19.98 1.81
C ASP B 23 -20.66 -21.08 0.76
N GLN B 24 -21.72 -20.95 -0.02
CA GLN B 24 -22.11 -21.96 -0.99
C GLN B 24 -21.03 -22.22 -2.04
N ASN B 25 -20.35 -21.16 -2.48
CA ASN B 25 -19.30 -21.25 -3.50
C ASN B 25 -17.88 -21.65 -3.04
N ARG B 26 -17.72 -21.99 -1.76
CA ARG B 26 -16.47 -22.54 -1.23
C ARG B 26 -16.08 -23.83 -1.92
N MET B 27 -14.82 -23.89 -2.35
CA MET B 27 -14.25 -25.13 -2.92
C MET B 27 -14.00 -26.13 -1.79
N LYS B 28 -14.30 -27.39 -2.07
N LYS B 28 -14.27 -27.40 -2.06
CA LYS B 28 -14.16 -28.45 -1.07
CA LYS B 28 -14.17 -28.43 -1.04
C LYS B 28 -12.85 -29.18 -1.22
C LYS B 28 -12.88 -29.22 -1.20
N SER B 29 -12.03 -29.21 -0.17
CA SER B 29 -10.72 -29.86 -0.23
C SER B 29 -10.77 -31.31 -0.62
N GLY B 30 -9.89 -31.69 -1.54
CA GLY B 30 -9.83 -33.06 -2.03
C GLY B 30 -10.94 -33.43 -3.01
N LYS B 31 -11.81 -32.48 -3.32
CA LYS B 31 -12.82 -32.63 -4.36
C LYS B 31 -12.55 -31.59 -5.45
N ASP B 32 -12.44 -30.31 -5.06
CA ASP B 32 -12.32 -29.17 -5.97
C ASP B 32 -10.91 -28.61 -6.06
N TYR B 33 -10.08 -28.93 -5.08
CA TYR B 33 -8.68 -28.61 -5.12
C TYR B 33 -7.92 -29.61 -4.25
N ARG B 34 -6.61 -29.73 -4.50
CA ARG B 34 -5.75 -30.50 -3.59
C ARG B 34 -4.52 -29.68 -3.29
N ILE B 35 -4.17 -29.63 -1.99
CA ILE B 35 -2.88 -29.10 -1.56
C ILE B 35 -1.99 -30.18 -0.95
N SER B 36 -0.69 -29.99 -1.15
CA SER B 36 0.32 -30.82 -0.48
C SER B 36 1.25 -29.93 0.36
N LEU B 37 1.04 -30.02 1.67
CA LEU B 37 1.76 -29.25 2.66
C LEU B 37 3.27 -29.48 2.66
N GLN B 38 3.64 -30.76 2.47
CA GLN B 38 5.03 -31.17 2.42
C GLN B 38 5.70 -30.83 3.76
N GLY B 39 6.68 -29.92 3.76
CA GLY B 39 7.50 -29.68 4.94
C GLY B 39 7.45 -28.29 5.55
N LYS B 40 7.94 -28.21 6.78
CA LYS B 40 8.13 -26.94 7.46
C LYS B 40 9.03 -26.05 6.62
N ALA B 41 8.64 -24.78 6.52
CA ALA B 41 9.42 -23.80 5.79
C ALA B 41 10.75 -23.51 6.50
N GLY B 42 11.86 -23.72 5.80
CA GLY B 42 13.18 -23.32 6.27
C GLY B 42 13.81 -24.23 7.30
N TYR B 43 13.11 -25.31 7.67
CA TYR B 43 13.55 -26.21 8.74
C TYR B 43 14.15 -27.54 8.24
N VAL B 44 15.43 -27.79 8.56
CA VAL B 44 16.12 -29.05 8.18
C VAL B 44 15.68 -30.29 8.99
N PRO B 45 15.33 -31.39 8.30
CA PRO B 45 14.68 -32.59 8.82
C PRO B 45 14.88 -32.83 10.33
N SER B 54 11.86 -28.24 3.15
CA SER B 54 11.55 -29.23 2.11
C SER B 54 10.17 -29.00 1.46
N ALA B 55 10.19 -28.34 0.30
CA ALA B 55 9.01 -28.19 -0.55
C ALA B 55 9.40 -28.23 -2.05
N SER B 56 9.71 -29.44 -2.53
CA SER B 56 10.18 -29.69 -3.91
C SER B 56 9.13 -29.36 -4.98
N PHE B 57 7.86 -29.55 -4.64
CA PHE B 57 6.74 -29.44 -5.57
C PHE B 57 5.91 -28.20 -5.24
N PRO B 58 5.03 -27.80 -6.19
CA PRO B 58 4.15 -26.68 -5.87
C PRO B 58 3.17 -27.07 -4.77
N LEU B 59 2.68 -26.07 -4.07
CA LEU B 59 1.67 -26.26 -3.05
C LEU B 59 0.38 -26.88 -3.62
N PHE B 60 -0.21 -26.23 -4.61
CA PHE B 60 -1.37 -26.80 -5.32
C PHE B 60 -1.08 -27.99 -6.24
N GLN B 61 -1.80 -29.09 -5.95
CA GLN B 61 -1.74 -30.36 -6.74
C GLN B 61 -2.77 -30.30 -7.85
N PHE B 62 -3.87 -29.62 -7.59
CA PHE B 62 -4.84 -29.23 -8.61
C PHE B 62 -5.84 -28.26 -8.04
N VAL B 63 -6.46 -27.53 -8.95
CA VAL B 63 -7.69 -26.78 -8.67
C VAL B 63 -8.56 -27.00 -9.88
N ASP B 64 -9.84 -27.30 -9.67
CA ASP B 64 -10.76 -27.47 -10.78
C ASP B 64 -11.05 -26.16 -11.49
N GLU B 65 -10.37 -25.94 -12.59
CA GLU B 65 -10.47 -24.68 -13.31
C GLU B 65 -11.79 -24.54 -14.04
N GLU B 66 -12.54 -25.62 -14.07
CA GLU B 66 -13.85 -25.53 -14.63
C GLU B 66 -14.80 -24.77 -13.70
N LYS B 67 -14.62 -24.96 -12.40
CA LYS B 67 -15.53 -24.42 -11.39
C LYS B 67 -15.11 -22.99 -11.06
N LEU B 68 -13.81 -22.76 -11.19
CA LEU B 68 -13.29 -21.41 -11.28
C LEU B 68 -13.92 -20.64 -12.42
N LYS B 69 -13.81 -21.17 -13.63
CA LYS B 69 -14.33 -20.49 -14.82
C LYS B 69 -15.76 -20.87 -15.08
N SER B 70 -16.63 -19.88 -15.12
CA SER B 70 -17.83 -20.00 -15.90
C SER B 70 -18.83 -20.80 -15.07
N ARG B 71 -18.36 -21.36 -13.96
CA ARG B 71 -19.20 -22.29 -13.24
C ARG B 71 -19.51 -21.19 -12.23
N LYS B 72 -18.53 -20.83 -11.40
CA LYS B 72 -18.75 -20.11 -10.14
C LYS B 72 -18.21 -18.67 -10.09
N THR B 73 -18.64 -17.89 -9.06
CA THR B 73 -18.23 -16.45 -8.78
C THR B 73 -16.72 -16.12 -8.64
N PHE B 74 -15.91 -17.11 -8.89
CA PHE B 74 -14.49 -16.95 -9.01
C PHE B 74 -14.13 -16.37 -10.36
N ALA B 75 -14.99 -16.52 -11.39
CA ALA B 75 -14.65 -16.11 -12.74
C ALA B 75 -14.37 -14.58 -12.83
N THR B 76 -15.26 -13.78 -12.25
CA THR B 76 -15.12 -12.33 -12.28
C THR B 76 -13.97 -11.91 -11.38
N PHE B 77 -13.85 -12.61 -10.26
CA PHE B 77 -12.73 -12.46 -9.38
C PHE B 77 -11.40 -12.69 -10.13
N ILE B 78 -11.25 -13.82 -10.85
CA ILE B 78 -10.00 -14.08 -11.61
C ILE B 78 -9.76 -13.05 -12.71
N SER B 79 -10.82 -12.63 -13.41
CA SER B 79 -10.69 -11.68 -14.50
C SER B 79 -9.99 -10.42 -13.99
N LEU B 80 -10.49 -9.85 -12.91
CA LEU B 80 -9.82 -8.79 -12.18
C LEU B 80 -8.37 -9.09 -11.81
N LEU B 81 -8.07 -10.26 -11.25
CA LEU B 81 -6.66 -10.54 -10.90
C LEU B 81 -5.76 -10.52 -12.14
N ASP B 82 -6.26 -11.08 -13.25
CA ASP B 82 -5.51 -11.21 -14.49
C ASP B 82 -5.15 -9.85 -15.07
N ASN B 83 -6.03 -8.87 -14.84
CA ASN B 83 -5.84 -7.49 -15.26
C ASN B 83 -4.46 -7.02 -14.90
N TYR B 84 -4.12 -7.21 -13.62
CA TYR B 84 -2.82 -6.86 -13.06
C TYR B 84 -1.67 -7.78 -13.46
N GLU B 85 -1.90 -8.69 -14.40
CA GLU B 85 -0.83 -9.56 -14.90
C GLU B 85 -0.49 -9.25 -16.35
N MET B 86 -1.27 -8.34 -16.95
CA MET B 86 -1.02 -7.82 -18.28
C MET B 86 -0.63 -6.36 -18.18
N ASP B 87 0.66 -6.06 -18.34
CA ASP B 87 1.10 -4.67 -18.41
C ASP B 87 0.80 -4.05 -19.79
N THR B 88 -0.41 -3.50 -19.93
CA THR B 88 -0.76 -2.66 -21.08
C THR B 88 -0.88 -1.20 -20.59
N GLY B 89 -1.77 -0.99 -19.62
CA GLY B 89 -2.03 0.35 -19.08
C GLY B 89 -1.36 0.65 -17.74
N VAL B 90 -1.13 1.95 -17.50
CA VAL B 90 -0.52 2.43 -16.25
C VAL B 90 -1.50 2.33 -15.07
N ALA B 91 -0.98 2.49 -13.86
CA ALA B 91 -1.74 2.26 -12.63
C ALA B 91 -2.69 3.38 -12.26
N GLU B 92 -2.61 4.54 -12.94
CA GLU B 92 -3.50 5.67 -12.64
C GLU B 92 -4.73 5.74 -13.53
N VAL B 93 -4.75 4.94 -14.59
CA VAL B 93 -5.94 4.91 -15.45
C VAL B 93 -6.90 3.77 -15.06
N VAL B 94 -8.15 4.17 -14.78
CA VAL B 94 -9.22 3.22 -14.75
C VAL B 94 -9.83 3.20 -16.16
N THR B 95 -9.95 2.00 -16.67
CA THR B 95 -10.16 1.75 -18.07
C THR B 95 -11.64 1.35 -18.18
N PRO B 96 -12.31 1.70 -19.29
CA PRO B 96 -13.73 1.34 -19.38
C PRO B 96 -13.94 -0.15 -19.12
N GLU B 97 -13.04 -0.97 -19.67
CA GLU B 97 -13.00 -2.41 -19.42
C GLU B 97 -12.77 -2.76 -17.94
N GLU B 98 -11.87 -2.07 -17.24
CA GLU B 98 -11.71 -2.22 -15.79
C GLU B 98 -13.01 -1.95 -15.03
N ILE B 99 -13.67 -0.82 -15.35
CA ILE B 99 -14.99 -0.49 -14.81
C ILE B 99 -15.98 -1.65 -15.00
N ALA B 100 -16.12 -2.13 -16.24
CA ALA B 100 -17.01 -3.25 -16.55
C ALA B 100 -16.73 -4.41 -15.61
N GLU B 101 -15.46 -4.83 -15.57
CA GLU B 101 -14.99 -5.90 -14.69
C GLU B 101 -15.26 -5.67 -13.18
N ASN B 102 -15.17 -4.43 -12.74
CA ASN B 102 -15.41 -4.09 -11.35
C ASN B 102 -16.87 -4.34 -11.13
N ASN B 103 -17.71 -3.90 -12.08
CA ASN B 103 -19.16 -4.10 -11.98
C ASN B 103 -19.59 -5.55 -11.96
N ASN B 104 -19.05 -6.33 -12.90
CA ASN B 104 -19.32 -7.74 -13.01
C ASN B 104 -19.05 -8.42 -11.71
N PHE B 105 -17.88 -8.14 -11.15
CA PHE B 105 -17.53 -8.76 -9.88
C PHE B 105 -18.47 -8.36 -8.75
N LEU B 106 -18.74 -7.06 -8.60
CA LEU B 106 -19.66 -6.64 -7.56
C LEU B 106 -21.03 -7.25 -7.81
N ASP B 107 -21.43 -7.21 -9.08
CA ASP B 107 -22.64 -7.80 -9.51
C ASP B 107 -22.72 -9.27 -9.09
N ALA B 108 -21.81 -10.09 -9.58
CA ALA B 108 -21.74 -11.48 -9.13
C ALA B 108 -21.81 -11.72 -7.61
N ILE B 109 -21.00 -11.00 -6.83
CA ILE B 109 -20.93 -11.27 -5.39
C ILE B 109 -22.18 -10.81 -4.65
N LEU B 110 -22.75 -9.72 -5.14
CA LEU B 110 -23.97 -9.21 -4.53
C LEU B 110 -25.17 -10.19 -4.63
N GLU B 111 -25.02 -11.26 -5.43
CA GLU B 111 -26.06 -12.23 -5.65
C GLU B 111 -26.01 -13.38 -4.60
N THR B 112 -24.94 -13.42 -3.81
CA THR B 112 -24.69 -14.59 -3.00
C THR B 112 -25.29 -14.43 -1.64
N LYS B 113 -25.61 -15.56 -1.01
CA LYS B 113 -26.14 -15.53 0.33
C LYS B 113 -25.13 -14.87 1.27
N VAL B 114 -23.84 -15.09 1.01
CA VAL B 114 -22.84 -14.46 1.86
C VAL B 114 -23.02 -12.95 1.88
N MET B 115 -23.22 -12.36 0.70
CA MET B 115 -23.25 -10.90 0.64
C MET B 115 -24.57 -10.32 1.10
N LYS B 116 -25.66 -11.01 0.83
CA LYS B 116 -26.96 -10.59 1.35
C LYS B 116 -26.96 -10.56 2.87
N MET B 117 -26.14 -11.38 3.49
CA MET B 117 -26.05 -11.44 4.96
C MET B 117 -25.15 -10.35 5.53
N ALA B 118 -24.00 -10.16 4.91
CA ALA B 118 -23.11 -9.08 5.26
C ALA B 118 -23.87 -7.75 5.28
N HIS B 119 -24.59 -7.51 4.19
CA HIS B 119 -25.28 -6.25 3.91
C HIS B 119 -26.38 -6.06 4.97
N ASP B 120 -27.15 -7.12 5.25
CA ASP B 120 -28.17 -7.04 6.28
C ASP B 120 -27.53 -6.67 7.65
N TYR B 121 -26.34 -7.23 7.94
CA TYR B 121 -25.59 -6.89 9.18
C TYR B 121 -25.21 -5.43 9.21
N LEU B 122 -24.47 -4.98 8.19
CA LEU B 122 -24.08 -3.55 8.07
C LEU B 122 -25.25 -2.54 8.21
N VAL B 123 -26.38 -2.86 7.60
CA VAL B 123 -27.61 -2.07 7.74
C VAL B 123 -28.14 -2.06 9.20
N ARG B 124 -28.29 -3.24 9.81
CA ARG B 124 -28.69 -3.34 11.23
C ARG B 124 -27.82 -2.42 12.12
N LYS B 125 -26.53 -2.40 11.81
CA LYS B 125 -25.55 -1.58 12.50
C LYS B 125 -25.49 -0.14 11.98
N ASN B 126 -26.37 0.23 11.05
CA ASN B 126 -26.38 1.55 10.40
C ASN B 126 -25.01 1.93 9.75
N GLN B 127 -24.36 0.97 9.12
CA GLN B 127 -23.04 1.14 8.52
C GLN B 127 -23.05 0.97 7.01
N ALA B 128 -24.22 0.64 6.47
CA ALA B 128 -24.41 0.54 5.03
C ALA B 128 -25.76 1.07 4.59
N LYS B 129 -25.83 1.45 3.32
CA LYS B 129 -27.09 1.82 2.64
C LYS B 129 -27.99 0.60 2.53
N PRO B 130 -29.33 0.79 2.66
CA PRO B 130 -30.20 -0.37 2.76
C PRO B 130 -30.81 -0.87 1.43
N THR B 131 -30.19 -0.50 0.31
CA THR B 131 -30.55 -1.00 -1.05
C THR B 131 -29.34 -1.72 -1.67
N ARG B 132 -29.58 -2.60 -2.66
CA ARG B 132 -28.52 -3.30 -3.37
C ARG B 132 -27.61 -2.31 -4.10
N ASN B 133 -28.25 -1.44 -4.88
CA ASN B 133 -27.54 -0.53 -5.77
C ASN B 133 -26.66 0.48 -5.03
N ASP B 134 -27.22 1.08 -3.96
CA ASP B 134 -26.50 1.97 -3.06
C ASP B 134 -25.35 1.33 -2.34
N PHE B 135 -25.57 0.12 -1.82
CA PHE B 135 -24.48 -0.67 -1.23
C PHE B 135 -23.38 -0.94 -2.26
N LYS B 136 -23.77 -1.23 -3.50
CA LYS B 136 -22.81 -1.60 -4.54
C LYS B 136 -21.86 -0.41 -4.79
N VAL B 137 -22.42 0.79 -4.74
CA VAL B 137 -21.67 2.03 -4.87
C VAL B 137 -20.76 2.14 -3.66
N GLN B 138 -21.26 1.81 -2.48
CA GLN B 138 -20.42 1.93 -1.27
C GLN B 138 -19.16 1.03 -1.43
N LEU B 139 -19.36 -0.20 -1.85
CA LEU B 139 -18.28 -1.18 -2.10
C LEU B 139 -17.35 -0.81 -3.24
N TYR B 140 -17.90 -0.21 -4.27
CA TYR B 140 -17.09 0.33 -5.32
C TYR B 140 -16.05 1.28 -4.78
N ASN B 141 -16.47 2.31 -4.02
CA ASN B 141 -15.53 3.32 -3.58
C ASN B 141 -14.49 2.81 -2.62
N ILE B 142 -14.89 1.88 -1.73
CA ILE B 142 -14.01 1.25 -0.75
C ILE B 142 -12.93 0.42 -1.41
N TRP B 143 -13.30 -0.32 -2.45
CA TRP B 143 -12.44 -1.36 -3.04
C TRP B 143 -11.82 -1.04 -4.38
N PHE B 144 -12.54 -0.27 -5.21
CA PHE B 144 -12.06 -0.07 -6.56
C PHE B 144 -11.67 1.35 -6.90
N GLN B 145 -12.12 2.33 -6.09
CA GLN B 145 -11.68 3.72 -6.28
C GLN B 145 -10.16 3.86 -6.10
N LEU B 146 -9.53 4.60 -7.01
CA LEU B 146 -8.09 4.84 -6.94
C LEU B 146 -7.76 5.94 -5.95
N TYR B 147 -6.67 5.70 -5.24
CA TYR B 147 -6.12 6.64 -4.29
C TYR B 147 -4.59 6.59 -4.33
N SER B 148 -3.95 7.66 -3.85
CA SER B 148 -2.52 7.70 -3.70
C SER B 148 -2.24 7.99 -2.24
N ARG B 149 -1.66 7.03 -1.52
CA ARG B 149 -1.25 7.30 -0.08
CA ARG B 149 -1.26 7.45 -0.11
C ARG B 149 -0.09 8.30 0.10
N ALA B 150 -0.18 9.45 -0.58
CA ALA B 150 0.90 10.42 -0.68
C ALA B 150 0.27 11.63 -1.38
N PRO B 151 -0.40 12.53 -0.61
CA PRO B 151 -1.43 13.40 -1.20
C PRO B 151 -0.84 14.54 -2.03
N GLY B 152 -1.40 14.71 -3.22
CA GLY B 152 -0.80 15.55 -4.25
C GLY B 152 -0.44 14.73 -5.49
N SER B 153 0.18 13.57 -5.27
CA SER B 153 0.51 12.65 -6.36
C SER B 153 -0.74 11.96 -6.89
N ARG B 154 -0.68 11.44 -8.12
CA ARG B 154 -1.83 10.83 -8.77
CA ARG B 154 -1.83 10.84 -8.75
C ARG B 154 -2.31 9.57 -8.07
N PRO B 155 -3.65 9.38 -7.95
CA PRO B 155 -4.22 8.16 -7.37
C PRO B 155 -3.85 6.96 -8.23
N ASP B 156 -3.22 5.95 -7.62
CA ASP B 156 -2.54 4.90 -8.40
C ASP B 156 -2.78 3.45 -7.96
N SER B 157 -3.59 3.28 -6.92
CA SER B 157 -4.00 1.94 -6.50
C SER B 157 -5.35 1.93 -5.81
N CYS B 158 -5.82 0.72 -5.54
CA CYS B 158 -7.12 0.54 -4.89
C CYS B 158 -7.10 -0.63 -3.87
N GLY B 159 -8.16 -0.78 -3.10
CA GLY B 159 -8.18 -1.77 -2.06
C GLY B 159 -8.25 -3.21 -2.52
N PHE B 160 -9.00 -3.47 -3.59
CA PHE B 160 -8.97 -4.77 -4.26
C PHE B 160 -7.55 -5.20 -4.60
N GLU B 161 -6.76 -4.28 -5.13
CA GLU B 161 -5.38 -4.61 -5.41
C GLU B 161 -4.45 -4.89 -4.17
N HIS B 162 -4.48 -4.07 -3.13
CA HIS B 162 -3.70 -4.40 -1.92
C HIS B 162 -4.18 -5.67 -1.20
N VAL B 163 -5.47 -5.95 -1.25
CA VAL B 163 -6.00 -7.09 -0.50
C VAL B 163 -5.89 -8.38 -1.29
N PHE B 164 -6.41 -8.37 -2.50
CA PHE B 164 -6.48 -9.56 -3.32
C PHE B 164 -5.40 -9.75 -4.36
N VAL B 165 -4.95 -8.66 -5.01
CA VAL B 165 -3.83 -8.77 -5.98
C VAL B 165 -2.56 -9.01 -5.21
N GLY B 166 -2.57 -8.50 -3.97
CA GLY B 166 -1.50 -8.71 -3.01
C GLY B 166 -0.41 -7.67 -3.09
N GLU B 167 -0.64 -6.62 -3.87
CA GLU B 167 0.32 -5.54 -4.07
C GLU B 167 -0.34 -4.16 -3.99
N SER B 168 0.45 -3.15 -3.63
CA SER B 168 -0.04 -1.79 -3.46
C SER B 168 0.21 -0.93 -4.72
N LYS B 169 0.87 -1.52 -5.72
CA LYS B 169 1.32 -0.79 -6.92
C LYS B 169 1.74 -1.75 -8.04
N ARG B 170 1.19 -1.52 -9.25
CA ARG B 170 1.32 -2.44 -10.38
CA ARG B 170 1.33 -2.44 -10.39
C ARG B 170 2.68 -3.07 -10.71
N GLY B 171 3.78 -2.38 -10.37
CA GLY B 171 5.12 -2.87 -10.74
C GLY B 171 6.08 -2.99 -9.56
N GLN B 172 5.68 -2.40 -8.43
CA GLN B 172 6.31 -2.71 -7.15
C GLN B 172 6.24 -4.20 -6.85
N GLU B 173 5.08 -4.78 -7.12
CA GLU B 173 4.87 -6.25 -7.24
C GLU B 173 5.18 -7.11 -5.99
N MET B 174 5.65 -6.50 -4.90
CA MET B 174 6.07 -7.29 -3.75
C MET B 174 4.94 -7.52 -2.74
N MET B 175 4.72 -8.77 -2.37
CA MET B 175 3.36 -9.24 -2.08
C MET B 175 2.79 -9.18 -0.63
N GLY B 176 1.65 -8.52 -0.48
CA GLY B 176 0.73 -8.76 0.65
C GLY B 176 -0.27 -9.81 0.18
N LEU B 177 0.28 -10.82 -0.48
CA LEU B 177 -0.45 -11.86 -1.14
C LEU B 177 -0.82 -12.91 -0.11
N HIS B 178 -2.12 -13.07 0.11
CA HIS B 178 -2.69 -14.04 1.05
C HIS B 178 -3.82 -14.84 0.37
N ASN B 179 -4.44 -14.29 -0.67
CA ASN B 179 -5.54 -14.94 -1.37
C ASN B 179 -5.12 -16.24 -2.04
N TRP B 180 -5.86 -17.31 -1.71
CA TRP B 180 -5.53 -18.66 -2.12
C TRP B 180 -5.71 -18.82 -3.61
N VAL B 181 -6.72 -18.15 -4.18
CA VAL B 181 -6.94 -18.24 -5.62
C VAL B 181 -5.72 -17.60 -6.30
N GLN B 182 -5.33 -16.42 -5.84
CA GLN B 182 -4.19 -15.69 -6.40
C GLN B 182 -2.85 -16.43 -6.18
N PHE B 183 -2.69 -17.01 -5.00
CA PHE B 183 -1.57 -17.91 -4.70
C PHE B 183 -1.46 -18.93 -5.82
N TYR B 184 -2.57 -19.65 -6.07
CA TYR B 184 -2.66 -20.66 -7.12
C TYR B 184 -2.19 -20.20 -8.51
N LEU B 185 -2.69 -19.04 -8.91
CA LEU B 185 -2.42 -18.55 -10.24
C LEU B 185 -0.95 -18.10 -10.37
N GLN B 186 -0.45 -17.38 -9.38
CA GLN B 186 0.94 -16.93 -9.32
C GLN B 186 1.93 -18.07 -9.17
N GLU B 187 1.51 -19.16 -8.50
CA GLU B 187 2.35 -20.34 -8.42
C GLU B 187 2.38 -21.05 -9.76
N LYS B 188 1.22 -21.15 -10.40
CA LYS B 188 1.08 -21.79 -11.70
C LYS B 188 1.88 -21.06 -12.76
N ARG B 189 2.12 -19.76 -12.58
CA ARG B 189 2.99 -19.06 -13.53
C ARG B 189 4.45 -18.87 -13.09
N LYS B 190 4.83 -19.56 -12.00
CA LYS B 190 6.20 -19.59 -11.47
C LYS B 190 6.70 -18.23 -10.95
N ASN B 191 5.79 -17.39 -10.48
CA ASN B 191 6.22 -16.25 -9.70
C ASN B 191 6.37 -16.64 -8.23
N ILE B 192 5.51 -17.55 -7.78
CA ILE B 192 5.51 -18.04 -6.40
C ILE B 192 6.35 -19.29 -6.34
N ASP B 193 7.21 -19.40 -5.34
CA ASP B 193 7.95 -20.65 -5.02
C ASP B 193 7.53 -21.09 -3.61
N TYR B 194 6.74 -22.16 -3.48
CA TYR B 194 6.23 -22.56 -2.17
C TYR B 194 7.33 -23.18 -1.28
N LYS B 195 7.66 -22.56 -0.14
CA LYS B 195 8.78 -23.05 0.66
C LYS B 195 8.37 -24.01 1.79
N GLY B 196 7.11 -24.03 2.15
CA GLY B 196 6.62 -24.92 3.22
C GLY B 196 5.76 -24.14 4.20
N TYR B 197 5.10 -24.86 5.10
CA TYR B 197 4.18 -24.30 6.05
C TYR B 197 4.86 -24.06 7.40
N VAL B 198 4.18 -23.31 8.26
CA VAL B 198 4.66 -22.99 9.59
C VAL B 198 3.65 -23.38 10.66
N ALA B 199 4.15 -24.10 11.66
CA ALA B 199 3.33 -24.47 12.79
C ALA B 199 3.59 -23.55 14.00
N ARG B 200 2.56 -22.85 14.46
CA ARG B 200 2.52 -22.35 15.84
C ARG B 200 2.56 -23.60 16.74
N GLN B 201 3.77 -24.09 16.98
CA GLN B 201 4.06 -25.51 16.73
C GLN B 201 3.31 -26.53 17.56
N ASN B 202 3.25 -26.29 18.88
CA ASN B 202 2.74 -27.25 19.85
C ASN B 202 1.23 -27.47 19.72
N LYS B 203 0.70 -27.04 18.57
CA LYS B 203 -0.64 -27.42 18.14
C LYS B 203 -0.57 -28.83 17.56
N SER B 204 -1.59 -29.20 16.80
CA SER B 204 -1.53 -30.40 16.00
C SER B 204 -0.88 -30.03 14.67
N ARG B 205 -0.22 -31.00 14.02
CA ARG B 205 0.35 -30.78 12.70
C ARG B 205 -0.81 -30.50 11.74
N PRO B 206 -0.71 -29.42 10.96
CA PRO B 206 -1.79 -29.10 10.03
C PRO B 206 -1.82 -30.09 8.87
N ASP B 207 -3.02 -30.54 8.49
CA ASP B 207 -3.19 -31.45 7.35
CA ASP B 207 -3.14 -31.45 7.37
C ASP B 207 -3.69 -30.74 6.09
N GLU B 208 -3.78 -31.48 4.99
CA GLU B 208 -4.18 -30.96 3.69
C GLU B 208 -5.62 -30.41 3.61
N ASP B 209 -6.40 -30.60 4.67
CA ASP B 209 -7.80 -30.17 4.71
C ASP B 209 -8.04 -28.95 5.64
N ASP B 210 -6.96 -28.39 6.18
CA ASP B 210 -7.04 -27.12 6.92
C ASP B 210 -7.48 -26.00 5.98
N GLN B 211 -8.41 -25.17 6.45
CA GLN B 211 -8.97 -24.04 5.66
C GLN B 211 -8.40 -22.69 6.09
N VAL B 212 -7.57 -22.69 7.12
CA VAL B 212 -6.69 -21.58 7.40
C VAL B 212 -5.30 -22.24 7.68
N LEU B 213 -4.26 -21.70 7.06
CA LEU B 213 -2.96 -22.29 7.07
C LEU B 213 -1.89 -21.22 7.02
N ASN B 214 -0.80 -21.44 7.75
CA ASN B 214 0.35 -20.53 7.66
C ASN B 214 1.32 -20.98 6.59
N LEU B 215 1.43 -20.20 5.55
CA LEU B 215 2.15 -20.59 4.35
C LEU B 215 3.33 -19.68 4.05
N GLN B 216 4.39 -20.23 3.47
CA GLN B 216 5.50 -19.40 3.06
C GLN B 216 6.01 -19.66 1.64
N PHE B 217 6.20 -18.59 0.89
CA PHE B 217 6.65 -18.73 -0.47
C PHE B 217 7.62 -17.60 -0.82
N ASN B 218 8.47 -17.84 -1.80
CA ASN B 218 9.28 -16.78 -2.36
C ASN B 218 8.52 -16.15 -3.53
N TRP B 219 8.44 -14.83 -3.56
CA TRP B 219 7.87 -14.15 -4.70
C TRP B 219 9.04 -13.63 -5.56
N LYS B 220 9.25 -14.21 -6.75
CA LYS B 220 10.42 -13.88 -7.58
C LYS B 220 11.73 -13.90 -6.76
N GLU B 221 12.00 -15.02 -6.11
CA GLU B 221 13.19 -15.20 -5.24
C GLU B 221 13.41 -14.14 -4.13
N MET B 222 12.37 -13.35 -3.83
CA MET B 222 12.37 -12.49 -2.67
C MET B 222 11.79 -13.36 -1.59
N VAL B 223 12.54 -13.57 -0.51
CA VAL B 223 11.99 -14.35 0.59
C VAL B 223 11.02 -13.48 1.38
N LYS B 224 9.81 -14.01 1.47
CA LYS B 224 8.64 -13.34 2.01
C LYS B 224 8.25 -14.10 3.26
N PRO B 225 8.00 -13.38 4.37
CA PRO B 225 7.57 -14.01 5.65
C PRO B 225 6.36 -14.89 5.51
N VAL B 226 6.27 -15.93 6.32
CA VAL B 226 5.02 -16.67 6.45
C VAL B 226 3.78 -15.76 6.48
N GLY B 227 2.69 -16.19 5.84
CA GLY B 227 1.41 -15.50 6.00
C GLY B 227 0.32 -16.52 6.14
N SER B 228 -0.75 -16.13 6.83
CA SER B 228 -1.91 -16.99 7.00
C SER B 228 -2.87 -16.80 5.82
N SER B 229 -3.52 -17.88 5.41
CA SER B 229 -4.48 -17.83 4.31
C SER B 229 -5.66 -18.69 4.65
N PHE B 230 -6.83 -18.15 4.36
CA PHE B 230 -8.01 -18.89 4.04
C PHE B 230 -7.77 -19.79 2.83
N ILE B 231 -8.29 -21.02 2.87
CA ILE B 231 -8.14 -21.97 1.72
C ILE B 231 -9.49 -22.53 1.32
N GLY B 232 -9.77 -22.48 0.03
CA GLY B 232 -11.01 -22.94 -0.54
C GLY B 232 -12.16 -21.95 -0.43
N VAL B 233 -12.12 -21.09 0.56
CA VAL B 233 -13.07 -19.96 0.76
C VAL B 233 -13.42 -19.13 -0.51
N SER B 234 -14.67 -18.72 -0.68
CA SER B 234 -15.06 -18.12 -1.94
C SER B 234 -14.55 -16.70 -1.89
N PRO B 235 -14.37 -16.09 -3.07
CA PRO B 235 -13.97 -14.71 -2.96
C PRO B 235 -14.98 -13.90 -2.09
N GLU B 236 -16.27 -14.13 -2.21
CA GLU B 236 -17.23 -13.26 -1.49
C GLU B 236 -17.07 -13.39 0.00
N PHE B 237 -16.63 -14.56 0.48
CA PHE B 237 -16.50 -14.76 1.93
C PHE B 237 -15.47 -13.79 2.46
N GLU B 238 -14.25 -13.87 1.93
CA GLU B 238 -13.19 -12.93 2.38
C GLU B 238 -13.59 -11.49 2.19
N PHE B 239 -14.18 -11.20 1.05
CA PHE B 239 -14.60 -9.83 0.72
C PHE B 239 -15.60 -9.33 1.77
N ALA B 240 -16.52 -10.20 2.19
CA ALA B 240 -17.49 -9.93 3.27
C ALA B 240 -16.80 -9.60 4.58
N LEU B 241 -15.85 -10.44 5.00
CA LEU B 241 -15.16 -10.23 6.25
C LEU B 241 -14.36 -8.93 6.26
N TYR B 242 -13.60 -8.69 5.18
CA TYR B 242 -12.76 -7.48 5.11
C TYR B 242 -13.61 -6.22 5.07
N THR B 243 -14.67 -6.23 4.25
CA THR B 243 -15.57 -5.07 4.17
C THR B 243 -16.17 -4.75 5.55
N ILE B 244 -16.87 -5.73 6.14
CA ILE B 244 -17.38 -5.64 7.53
C ILE B 244 -16.39 -5.06 8.60
N VAL B 245 -15.20 -5.64 8.74
CA VAL B 245 -14.22 -5.14 9.71
C VAL B 245 -13.78 -3.72 9.36
N PHE B 246 -13.59 -3.48 8.06
CA PHE B 246 -13.37 -2.13 7.58
C PHE B 246 -14.38 -1.11 8.10
N LEU B 247 -15.67 -1.44 8.03
CA LEU B 247 -16.73 -0.53 8.45
C LEU B 247 -16.91 -0.42 9.98
N ALA B 248 -16.30 -1.35 10.73
CA ALA B 248 -16.48 -1.43 12.18
C ALA B 248 -15.84 -0.26 12.96
N SER B 249 -14.89 0.42 12.34
CA SER B 249 -14.12 1.48 12.99
C SER B 249 -13.46 2.44 12.01
N GLN B 250 -12.85 3.49 12.56
CA GLN B 250 -12.16 4.53 11.79
C GLN B 250 -10.66 4.67 12.13
N GLU B 251 -10.20 3.94 13.16
CA GLU B 251 -8.80 4.11 13.61
CA GLU B 251 -8.81 3.99 13.64
C GLU B 251 -7.70 3.71 12.61
N LYS B 252 -8.05 3.17 11.46
CA LYS B 252 -6.99 2.94 10.47
C LYS B 252 -6.17 1.63 10.63
N MET B 253 -6.18 1.05 11.82
CA MET B 253 -5.83 -0.37 11.98
C MET B 253 -6.83 -1.04 12.93
N SER B 254 -7.40 -2.16 12.49
CA SER B 254 -8.21 -3.01 13.37
C SER B 254 -7.78 -4.46 13.26
N ARG B 255 -7.57 -5.07 14.40
CA ARG B 255 -7.14 -6.44 14.46
C ARG B 255 -8.18 -7.11 15.31
N GLU B 256 -9.27 -7.51 14.65
CA GLU B 256 -10.41 -8.14 15.29
C GLU B 256 -10.10 -9.59 15.55
N VAL B 257 -10.16 -9.96 16.83
CA VAL B 257 -9.83 -11.30 17.30
C VAL B 257 -11.15 -12.10 17.28
N VAL B 258 -11.16 -13.17 16.51
CA VAL B 258 -12.41 -13.86 16.19
C VAL B 258 -12.14 -15.39 16.19
N ARG B 259 -13.15 -16.17 16.55
CA ARG B 259 -13.12 -17.65 16.50
C ARG B 259 -13.94 -18.08 15.28
N LEU B 260 -13.29 -18.67 14.28
CA LEU B 260 -13.97 -19.13 13.06
C LEU B 260 -14.08 -20.63 12.87
N GLU B 261 -15.02 -21.22 13.59
CA GLU B 261 -15.03 -22.65 13.96
C GLU B 261 -13.82 -23.06 14.81
N GLU B 262 -12.90 -23.86 14.26
CA GLU B 262 -11.73 -24.34 15.04
C GLU B 262 -10.56 -23.34 15.14
N TYR B 263 -10.57 -22.32 14.29
CA TYR B 263 -9.47 -21.35 14.21
C TYR B 263 -9.76 -20.07 14.98
N GLU B 264 -8.90 -19.78 15.96
CA GLU B 264 -8.81 -18.42 16.50
C GLU B 264 -7.89 -17.57 15.64
N LEU B 265 -8.45 -16.46 15.16
CA LEU B 265 -7.85 -15.65 14.10
C LEU B 265 -7.94 -14.17 14.45
N GLN B 266 -6.91 -13.42 14.06
CA GLN B 266 -7.02 -11.97 13.88
C GLN B 266 -7.40 -11.61 12.44
N ILE B 267 -8.34 -10.69 12.29
CA ILE B 267 -8.67 -10.14 10.98
C ILE B 267 -8.12 -8.71 10.96
N VAL B 268 -7.01 -8.51 10.25
CA VAL B 268 -6.42 -7.18 10.28
C VAL B 268 -6.84 -6.39 9.03
N VAL B 269 -7.24 -5.15 9.21
CA VAL B 269 -7.56 -4.28 8.07
C VAL B 269 -6.87 -2.91 8.22
N ASN B 270 -6.21 -2.47 7.16
CA ASN B 270 -5.59 -1.12 7.10
C ASN B 270 -6.45 -0.13 6.33
N ARG B 271 -6.61 1.07 6.88
CA ARG B 271 -7.49 2.09 6.28
C ARG B 271 -6.75 3.34 5.84
N HIS B 272 -7.14 3.85 4.67
CA HIS B 272 -6.63 5.12 4.17
C HIS B 272 -7.82 6.02 3.93
N GLY B 273 -8.32 6.57 5.03
CA GLY B 273 -9.58 7.28 5.04
C GLY B 273 -10.71 6.32 4.71
N ARG B 274 -11.40 6.63 3.62
CA ARG B 274 -12.59 5.90 3.21
C ARG B 274 -12.28 4.70 2.35
N TYR B 275 -11.03 4.32 2.21
CA TYR B 275 -10.69 3.19 1.34
C TYR B 275 -10.04 2.11 2.18
N ILE B 276 -10.16 0.87 1.73
CA ILE B 276 -9.41 -0.17 2.38
C ILE B 276 -7.96 -0.27 1.81
N GLY B 277 -6.99 -0.48 2.70
CA GLY B 277 -5.62 -0.81 2.34
C GLY B 277 -5.41 -2.31 2.38
N THR B 278 -4.19 -2.73 2.71
CA THR B 278 -3.96 -4.14 2.97
C THR B 278 -4.93 -4.73 4.03
N ALA B 279 -5.26 -6.02 3.89
CA ALA B 279 -6.10 -6.79 4.82
C ALA B 279 -5.77 -8.24 4.59
N TYR B 280 -5.78 -9.00 5.68
CA TYR B 280 -5.45 -10.42 5.70
C TYR B 280 -5.79 -11.08 7.06
N PRO B 281 -5.89 -12.43 7.11
CA PRO B 281 -5.97 -12.95 8.49
C PRO B 281 -4.57 -13.28 9.06
N VAL B 282 -4.54 -13.48 10.38
CA VAL B 282 -3.38 -13.97 11.13
C VAL B 282 -3.92 -15.06 12.07
N LEU B 283 -3.49 -16.29 11.86
CA LEU B 283 -3.99 -17.40 12.68
C LEU B 283 -3.22 -17.47 13.97
N LEU B 284 -3.93 -17.26 15.07
CA LEU B 284 -3.35 -17.21 16.41
C LEU B 284 -3.32 -18.62 17.03
N SER B 285 -4.36 -19.39 16.77
CA SER B 285 -4.56 -20.68 17.39
C SER B 285 -5.47 -21.58 16.57
N THR B 286 -5.07 -22.83 16.43
CA THR B 286 -5.88 -23.84 15.76
C THR B 286 -6.34 -24.91 16.77
N ASN B 287 -7.42 -25.61 16.42
CA ASN B 287 -8.09 -26.53 17.36
C ASN B 287 -8.74 -26.02 18.63
N ASN B 288 -9.90 -25.39 18.48
CA ASN B 288 -10.81 -25.07 19.60
C ASN B 288 -12.26 -25.49 19.38
N PRO B 289 -13.14 -25.09 20.30
CA PRO B 289 -14.55 -24.88 19.97
C PRO B 289 -14.76 -24.69 18.48
N GLY C 6 30.62 -26.41 32.19
CA GLY C 6 31.77 -25.52 32.52
C GLY C 6 33.06 -25.95 31.82
N GLN C 7 33.02 -26.02 30.49
CA GLN C 7 34.15 -26.46 29.67
C GLN C 7 34.24 -25.68 28.36
N LEU C 8 35.46 -25.32 27.95
CA LEU C 8 35.68 -24.59 26.71
C LEU C 8 35.42 -25.49 25.48
N ASN C 9 34.69 -24.93 24.51
CA ASN C 9 34.39 -25.63 23.25
C ASN C 9 35.48 -25.30 22.22
N HIS C 10 36.27 -26.31 21.87
CA HIS C 10 37.45 -26.15 21.03
C HIS C 10 37.09 -25.93 19.56
N GLU C 11 36.19 -26.79 19.07
CA GLU C 11 35.61 -26.69 17.72
C GLU C 11 35.09 -25.25 17.48
N LEU C 12 34.19 -24.81 18.36
CA LEU C 12 33.62 -23.46 18.29
C LEU C 12 34.65 -22.33 18.50
N SER C 13 35.64 -22.57 19.36
CA SER C 13 36.73 -21.61 19.58
C SER C 13 37.56 -21.36 18.33
N LYS C 14 38.02 -22.46 17.72
CA LYS C 14 38.83 -22.38 16.51
CA LYS C 14 38.82 -22.40 16.50
C LYS C 14 38.02 -21.79 15.36
N LEU C 15 36.76 -22.22 15.25
CA LEU C 15 35.86 -21.68 14.23
C LEU C 15 35.69 -20.16 14.32
N PHE C 16 35.45 -19.63 15.51
CA PHE C 16 35.20 -18.19 15.66
C PHE C 16 36.49 -17.37 15.47
N ASN C 17 37.62 -17.99 15.80
CA ASN C 17 38.92 -17.38 15.56
C ASN C 17 39.17 -17.23 14.05
N GLU C 18 38.73 -18.25 13.32
CA GLU C 18 38.75 -18.24 11.87
C GLU C 18 37.85 -17.14 11.34
N LEU C 19 36.59 -17.14 11.75
CA LEU C 19 35.66 -16.08 11.34
C LEU C 19 36.21 -14.71 11.68
N TRP C 20 36.85 -14.61 12.86
CA TRP C 20 37.46 -13.38 13.35
C TRP C 20 38.55 -12.96 12.36
N ASP C 21 39.45 -13.89 12.05
CA ASP C 21 40.48 -13.65 11.04
C ASP C 21 39.86 -13.31 9.68
N ALA C 22 38.69 -13.88 9.41
CA ALA C 22 37.93 -13.66 8.18
C ALA C 22 37.03 -12.43 8.19
N ASP C 23 37.12 -11.62 9.25
CA ASP C 23 36.24 -10.45 9.40
C ASP C 23 36.85 -9.23 8.71
N GLN C 24 36.82 -9.24 7.38
CA GLN C 24 37.36 -8.17 6.56
C GLN C 24 36.63 -6.83 6.74
N ASN C 25 35.45 -6.89 7.36
CA ASN C 25 34.64 -5.70 7.54
C ASN C 25 34.81 -5.00 8.89
N ARG C 26 35.55 -5.62 9.80
CA ARG C 26 35.75 -5.07 11.15
C ARG C 26 36.38 -3.68 11.13
N MET C 27 35.97 -2.84 12.07
CA MET C 27 36.47 -1.49 12.19
C MET C 27 37.59 -1.48 13.22
N LYS C 28 38.64 -0.70 12.94
CA LYS C 28 39.82 -0.68 13.80
C LYS C 28 39.75 0.44 14.82
N SER C 29 40.24 0.15 16.03
CA SER C 29 40.42 1.20 17.05
C SER C 29 41.37 2.28 16.53
N GLY C 30 41.03 3.53 16.83
CA GLY C 30 41.82 4.65 16.34
C GLY C 30 41.28 5.23 15.05
N LYS C 31 41.55 4.55 13.94
CA LYS C 31 41.25 5.09 12.60
C LYS C 31 39.77 5.05 12.24
N ASP C 32 39.10 3.97 12.61
CA ASP C 32 37.70 3.75 12.26
C ASP C 32 36.74 4.25 13.34
N TYR C 33 37.06 3.95 14.60
CA TYR C 33 36.27 4.42 15.74
C TYR C 33 37.20 4.79 16.89
N ARG C 34 36.70 5.60 17.82
CA ARG C 34 37.42 5.92 19.05
C ARG C 34 36.47 6.01 20.23
N ILE C 35 36.79 5.25 21.29
CA ILE C 35 36.06 5.33 22.55
C ILE C 35 36.86 5.93 23.70
N SER C 36 36.14 6.41 24.70
CA SER C 36 36.73 6.80 25.96
C SER C 36 35.92 6.17 27.08
N LEU C 37 36.56 5.24 27.78
CA LEU C 37 35.93 4.43 28.85
C LEU C 37 35.50 5.31 30.00
N GLN C 38 36.28 6.38 30.22
CA GLN C 38 36.02 7.44 31.24
C GLN C 38 36.46 6.87 32.59
N GLY C 39 35.73 5.85 33.08
CA GLY C 39 35.94 5.32 34.42
C GLY C 39 34.90 4.26 34.80
N LYS C 40 35.08 3.70 35.98
CA LYS C 40 34.25 2.65 36.53
C LYS C 40 32.83 3.17 36.77
N ALA C 41 31.85 2.36 36.37
CA ALA C 41 30.46 2.75 36.53
C ALA C 41 30.13 3.04 37.99
N GLY C 42 29.51 4.20 38.19
CA GLY C 42 29.12 4.65 39.53
C GLY C 42 30.27 5.26 40.30
N TYR C 43 31.34 5.57 39.56
CA TYR C 43 32.58 6.13 40.10
C TYR C 43 33.26 6.99 39.02
N VAL C 44 32.55 7.32 37.93
CA VAL C 44 33.15 8.20 36.92
C VAL C 44 33.43 9.60 37.53
N SER C 56 25.21 13.96 28.64
CA SER C 56 26.11 12.96 28.10
C SER C 56 27.46 12.88 28.80
N PHE C 57 28.32 12.02 28.27
CA PHE C 57 29.71 12.29 27.90
C PHE C 57 29.95 10.99 27.16
N PRO C 58 30.17 11.01 25.84
CA PRO C 58 29.85 9.83 25.07
C PRO C 58 30.96 8.80 25.10
N LEU C 59 30.57 7.52 25.08
CA LEU C 59 31.50 6.42 24.90
C LEU C 59 32.22 6.57 23.56
N PHE C 60 31.47 6.88 22.50
CA PHE C 60 32.06 7.00 21.17
C PHE C 60 32.43 8.44 20.81
N GLN C 61 33.72 8.71 20.91
CA GLN C 61 34.33 9.96 20.46
C GLN C 61 34.03 10.18 18.99
N PHE C 62 34.14 9.10 18.22
CA PHE C 62 34.00 9.14 16.77
C PHE C 62 33.80 7.74 16.24
N VAL C 63 32.96 7.63 15.21
CA VAL C 63 32.82 6.41 14.44
C VAL C 63 32.72 6.89 13.00
N ASP C 64 33.56 6.32 12.14
CA ASP C 64 33.66 6.76 10.76
C ASP C 64 32.38 6.41 9.97
N GLU C 65 31.42 7.33 10.03
CA GLU C 65 30.16 7.20 9.31
CA GLU C 65 30.16 7.24 9.31
C GLU C 65 30.37 7.17 7.79
N GLU C 66 31.61 7.39 7.36
CA GLU C 66 31.95 7.23 5.96
C GLU C 66 32.01 5.73 5.68
N LYS C 67 32.83 5.02 6.43
CA LYS C 67 33.00 3.58 6.27
C LYS C 67 31.80 2.76 6.72
N LEU C 68 31.02 3.26 7.66
CA LEU C 68 29.76 2.65 7.97
C LEU C 68 28.84 2.86 6.77
N LYS C 69 28.52 4.14 6.52
CA LYS C 69 27.16 4.48 6.11
C LYS C 69 26.46 3.73 4.97
N SER C 70 27.01 3.88 3.75
CA SER C 70 27.25 2.66 2.91
C SER C 70 28.41 1.90 2.32
N ARG C 71 29.61 2.41 2.53
CA ARG C 71 30.80 1.76 2.04
C ARG C 71 30.66 0.24 2.16
N LYS C 72 30.26 -0.24 3.35
CA LYS C 72 30.32 -1.68 3.68
C LYS C 72 28.95 -2.40 3.84
N THR C 73 28.90 -3.46 4.66
CA THR C 73 27.66 -4.21 5.01
C THR C 73 27.06 -3.70 6.33
N PHE C 74 27.64 -2.63 6.82
CA PHE C 74 27.10 -1.85 7.92
C PHE C 74 25.88 -1.06 7.45
N ALA C 75 25.95 -0.52 6.23
CA ALA C 75 24.86 0.25 5.63
C ALA C 75 23.50 -0.43 5.68
N THR C 76 23.52 -1.72 5.42
CA THR C 76 22.37 -2.55 5.25
C THR C 76 21.80 -2.98 6.63
N PHE C 77 22.70 -3.02 7.63
CA PHE C 77 22.41 -3.30 9.02
C PHE C 77 21.82 -2.08 9.68
N ILE C 78 22.40 -0.92 9.41
CA ILE C 78 21.88 0.30 10.02
C ILE C 78 20.52 0.73 9.46
N SER C 79 20.24 0.41 8.19
CA SER C 79 18.93 0.65 7.62
C SER C 79 17.82 -0.06 8.42
N LEU C 80 18.07 -1.33 8.76
CA LEU C 80 17.20 -2.13 9.58
C LEU C 80 17.10 -1.55 10.98
N LEU C 81 18.21 -1.00 11.46
CA LEU C 81 18.28 -0.54 12.84
C LEU C 81 17.35 0.64 13.13
N ASP C 82 17.61 1.79 12.52
CA ASP C 82 16.75 2.93 12.77
CA ASP C 82 16.75 2.94 12.76
C ASP C 82 15.33 2.55 12.46
N ASN C 83 15.16 1.71 11.46
CA ASN C 83 13.83 1.39 11.00
C ASN C 83 12.90 1.09 12.16
N TYR C 84 13.41 0.40 13.18
CA TYR C 84 12.62 0.07 14.36
C TYR C 84 12.42 1.26 15.29
N GLU C 85 13.20 2.33 15.06
CA GLU C 85 13.00 3.60 15.76
C GLU C 85 11.59 4.16 15.50
N MET C 86 10.94 3.67 14.45
CA MET C 86 9.60 4.14 14.05
C MET C 86 8.44 3.50 14.83
N ASP C 87 7.31 4.21 14.83
CA ASP C 87 6.30 4.12 15.89
C ASP C 87 5.27 3.00 15.72
N THR C 88 5.17 2.45 14.50
CA THR C 88 4.08 1.53 14.15
C THR C 88 4.44 0.04 14.11
N GLY C 89 3.61 -0.76 14.79
CA GLY C 89 3.74 -2.22 14.76
C GLY C 89 2.61 -2.94 15.48
N VAL C 90 2.54 -2.75 16.80
CA VAL C 90 1.74 -3.57 17.72
C VAL C 90 1.91 -5.11 17.63
N ALA C 91 1.04 -5.79 16.89
CA ALA C 91 0.95 -7.27 16.97
C ALA C 91 1.28 -7.79 15.60
N GLU C 92 2.56 -7.63 15.26
CA GLU C 92 2.93 -6.49 14.37
C GLU C 92 2.96 -6.62 12.86
N VAL C 93 2.72 -5.47 12.22
CA VAL C 93 2.79 -5.34 10.78
C VAL C 93 4.25 -5.39 10.32
N VAL C 94 4.50 -6.26 9.34
CA VAL C 94 5.75 -6.23 8.62
C VAL C 94 5.54 -5.53 7.27
N THR C 95 5.92 -4.26 7.22
CA THR C 95 5.77 -3.44 6.02
C THR C 95 6.67 -3.94 4.89
N PRO C 96 6.18 -3.91 3.63
CA PRO C 96 6.98 -4.46 2.54
C PRO C 96 8.36 -3.79 2.38
N GLU C 97 8.53 -2.61 2.95
CA GLU C 97 9.81 -1.87 2.94
C GLU C 97 10.84 -2.64 3.76
N GLU C 98 10.40 -3.04 4.95
CA GLU C 98 11.21 -3.81 5.88
C GLU C 98 11.57 -5.18 5.32
N ILE C 99 10.69 -5.77 4.52
CA ILE C 99 10.96 -7.08 3.89
C ILE C 99 12.14 -7.00 2.96
N ALA C 100 12.13 -5.97 2.11
CA ALA C 100 13.23 -5.65 1.18
C ALA C 100 14.52 -5.37 1.93
N GLU C 101 14.41 -4.61 3.03
CA GLU C 101 15.53 -4.35 3.93
C GLU C 101 16.12 -5.65 4.52
N ASN C 102 15.24 -6.48 5.12
CA ASN C 102 15.61 -7.79 5.58
C ASN C 102 16.30 -8.57 4.50
N ASN C 103 15.71 -8.55 3.33
CA ASN C 103 16.26 -9.17 2.16
C ASN C 103 17.59 -8.60 1.70
N ASN C 104 17.77 -7.29 1.69
CA ASN C 104 19.07 -6.74 1.29
CA ASN C 104 19.08 -6.72 1.32
C ASN C 104 20.15 -7.03 2.36
N PHE C 105 19.80 -6.97 3.64
CA PHE C 105 20.75 -7.37 4.71
C PHE C 105 21.29 -8.79 4.48
N LEU C 106 20.37 -9.76 4.44
CA LEU C 106 20.77 -11.13 4.15
C LEU C 106 21.61 -11.24 2.88
N ASP C 107 21.22 -10.52 1.83
CA ASP C 107 21.98 -10.51 0.57
C ASP C 107 23.43 -10.07 0.71
N ALA C 108 23.65 -8.96 1.41
CA ALA C 108 24.98 -8.46 1.76
C ALA C 108 25.85 -9.46 2.54
N ILE C 109 25.39 -9.87 3.73
CA ILE C 109 26.18 -10.77 4.61
C ILE C 109 26.46 -12.16 4.00
N LEU C 110 25.55 -12.65 3.15
CA LEU C 110 25.76 -13.94 2.48
C LEU C 110 26.90 -13.88 1.44
N GLU C 111 27.25 -12.66 1.01
CA GLU C 111 28.33 -12.34 0.07
C GLU C 111 29.72 -12.35 0.67
N THR C 112 29.79 -12.25 2.00
CA THR C 112 31.09 -12.04 2.65
C THR C 112 31.73 -13.37 3.06
N LYS C 113 33.03 -13.34 3.26
CA LYS C 113 33.80 -14.54 3.63
C LYS C 113 33.37 -15.20 4.92
N VAL C 114 33.08 -14.39 5.94
CA VAL C 114 32.61 -14.86 7.25
C VAL C 114 31.42 -15.80 7.10
N MET C 115 30.39 -15.35 6.39
CA MET C 115 29.15 -16.11 6.27
C MET C 115 29.29 -17.35 5.38
N LYS C 116 30.16 -17.22 4.39
CA LYS C 116 30.52 -18.34 3.50
C LYS C 116 31.18 -19.44 4.32
N MET C 117 32.13 -19.03 5.17
CA MET C 117 32.80 -19.91 6.13
C MET C 117 31.85 -20.53 7.17
N ALA C 118 30.96 -19.71 7.72
CA ALA C 118 29.91 -20.20 8.63
C ALA C 118 28.95 -21.17 7.92
N HIS C 119 28.65 -20.88 6.65
CA HIS C 119 27.80 -21.74 5.81
C HIS C 119 28.40 -23.15 5.69
N ASP C 120 29.68 -23.26 5.31
CA ASP C 120 30.38 -24.56 5.22
C ASP C 120 30.34 -25.34 6.52
N TYR C 121 30.85 -24.74 7.61
CA TYR C 121 30.84 -25.43 8.91
C TYR C 121 29.48 -26.09 9.16
N LEU C 122 28.41 -25.30 9.00
CA LEU C 122 27.04 -25.76 9.21
C LEU C 122 26.58 -26.75 8.14
N VAL C 123 27.16 -26.66 6.94
CA VAL C 123 26.90 -27.66 5.90
C VAL C 123 27.54 -28.97 6.34
N ARG C 124 28.88 -28.98 6.48
CA ARG C 124 29.61 -30.13 7.04
C ARG C 124 28.94 -30.75 8.29
N LYS C 125 28.29 -29.95 9.11
CA LYS C 125 27.60 -30.44 10.30
C LYS C 125 26.15 -30.82 10.03
N ASN C 126 25.74 -30.74 8.76
CA ASN C 126 24.35 -30.99 8.35
C ASN C 126 23.31 -30.16 9.15
N GLN C 127 23.63 -28.89 9.38
CA GLN C 127 22.73 -28.00 10.11
C GLN C 127 22.00 -27.05 9.16
N ALA C 128 22.53 -26.94 7.95
CA ALA C 128 22.10 -25.99 6.92
C ALA C 128 22.19 -26.67 5.56
N LYS C 129 21.41 -26.18 4.59
CA LYS C 129 21.50 -26.69 3.21
CA LYS C 129 21.56 -26.68 3.22
C LYS C 129 22.62 -25.97 2.40
N PRO C 130 23.24 -26.67 1.44
CA PRO C 130 24.39 -26.08 0.70
C PRO C 130 24.11 -24.90 -0.25
N THR C 131 22.88 -24.75 -0.68
CA THR C 131 22.53 -23.70 -1.64
C THR C 131 22.17 -22.38 -0.95
N ARG C 132 22.80 -21.30 -1.38
CA ARG C 132 22.60 -19.94 -0.85
C ARG C 132 21.14 -19.52 -0.76
N ASN C 133 20.33 -20.00 -1.61
CA ASN C 133 18.86 -19.76 -1.60
CA ASN C 133 18.96 -19.79 -1.44
C ASN C 133 18.24 -20.67 -0.46
N ASP C 134 18.39 -21.75 -0.29
CA ASP C 134 17.80 -22.52 0.81
C ASP C 134 18.21 -21.97 2.16
N PHE C 135 19.51 -21.75 2.28
CA PHE C 135 20.13 -21.31 3.51
C PHE C 135 19.56 -19.94 3.89
N LYS C 136 19.36 -19.09 2.90
CA LYS C 136 18.86 -17.74 3.11
C LYS C 136 17.45 -17.79 3.67
N VAL C 137 16.68 -18.80 3.25
CA VAL C 137 15.33 -19.01 3.79
C VAL C 137 15.38 -19.50 5.27
N GLN C 138 16.12 -20.57 5.53
CA GLN C 138 16.42 -20.96 6.91
C GLN C 138 16.86 -19.75 7.76
N LEU C 139 17.74 -18.90 7.21
CA LEU C 139 18.34 -17.76 7.92
C LEU C 139 17.30 -16.66 8.09
N TYR C 140 16.48 -16.45 7.06
CA TYR C 140 15.41 -15.49 7.13
C TYR C 140 14.46 -15.94 8.26
N ASN C 141 14.10 -17.22 8.31
CA ASN C 141 13.13 -17.66 9.34
C ASN C 141 13.68 -17.67 10.78
N ILE C 142 14.98 -17.92 10.96
CA ILE C 142 15.56 -17.81 12.33
C ILE C 142 15.56 -16.37 12.85
N TRP C 143 15.76 -15.42 11.94
CA TRP C 143 16.07 -14.05 12.34
C TRP C 143 14.98 -12.99 12.11
N PHE C 144 14.07 -13.24 11.15
CA PHE C 144 13.18 -12.17 10.69
C PHE C 144 11.74 -12.56 10.70
N GLN C 145 11.50 -13.83 10.95
CA GLN C 145 10.17 -14.35 11.17
C GLN C 145 9.61 -13.93 12.52
N LEU C 146 8.39 -13.45 12.49
CA LEU C 146 7.73 -13.04 13.69
C LEU C 146 7.24 -14.25 14.48
N TYR C 147 7.36 -14.11 15.80
CA TYR C 147 6.88 -15.10 16.72
C TYR C 147 6.38 -14.45 18.02
N SER C 148 5.47 -15.16 18.70
CA SER C 148 5.00 -14.82 20.05
C SER C 148 5.67 -15.69 21.11
N ARG C 149 5.61 -15.30 22.38
CA ARG C 149 6.17 -16.09 23.48
CA ARG C 149 6.15 -16.17 23.44
C ARG C 149 5.11 -16.85 24.31
N ALA C 150 3.84 -16.68 23.94
CA ALA C 150 2.74 -17.39 24.60
C ALA C 150 1.71 -17.87 23.58
N PRO C 151 1.33 -19.17 23.66
CA PRO C 151 0.26 -19.74 22.81
C PRO C 151 -0.99 -18.87 22.75
N GLY C 152 -1.50 -18.64 21.54
CA GLY C 152 -2.69 -17.82 21.34
C GLY C 152 -2.44 -16.33 21.13
N SER C 153 -1.20 -15.89 21.33
CA SER C 153 -0.85 -14.48 21.11
C SER C 153 -0.21 -14.25 19.74
N ARG C 154 -0.22 -12.99 19.32
CA ARG C 154 0.20 -12.61 17.98
C ARG C 154 1.71 -12.57 17.87
N PRO C 155 2.26 -13.12 16.77
CA PRO C 155 3.66 -12.99 16.40
C PRO C 155 4.07 -11.52 16.31
N ASP C 156 4.63 -11.01 17.40
CA ASP C 156 4.86 -9.60 17.59
C ASP C 156 6.33 -9.25 17.85
N SER C 157 7.24 -10.13 17.42
CA SER C 157 8.68 -9.96 17.57
C SER C 157 9.44 -11.02 16.80
N CYS C 158 10.72 -10.77 16.58
CA CYS C 158 11.60 -11.69 15.89
C CYS C 158 13.02 -11.56 16.46
N GLY C 159 13.90 -12.45 15.99
CA GLY C 159 15.28 -12.52 16.47
C GLY C 159 16.19 -11.34 16.23
N PHE C 160 16.12 -10.70 15.05
CA PHE C 160 16.90 -9.47 14.82
C PHE C 160 16.55 -8.44 15.88
N GLU C 161 15.27 -8.30 16.18
CA GLU C 161 14.80 -7.38 17.25
C GLU C 161 15.37 -7.71 18.62
N HIS C 162 15.23 -8.97 19.06
CA HIS C 162 15.76 -9.40 20.35
C HIS C 162 17.26 -9.09 20.44
N VAL C 163 18.01 -9.51 19.42
CA VAL C 163 19.49 -9.51 19.43
C VAL C 163 20.11 -8.18 19.08
N PHE C 164 19.64 -7.60 17.97
CA PHE C 164 20.28 -6.43 17.40
C PHE C 164 19.58 -5.11 17.75
N VAL C 165 18.24 -5.06 17.75
CA VAL C 165 17.54 -3.83 18.20
C VAL C 165 17.75 -3.57 19.70
N GLY C 166 17.45 -4.57 20.54
CA GLY C 166 17.73 -4.49 21.95
C GLY C 166 16.60 -4.98 22.85
N GLU C 167 15.45 -5.26 22.28
CA GLU C 167 14.28 -5.73 23.06
C GLU C 167 13.22 -6.41 22.22
N SER C 168 12.50 -7.36 22.84
CA SER C 168 11.56 -8.25 22.15
C SER C 168 10.25 -7.52 21.93
N LYS C 169 10.15 -6.41 22.67
CA LYS C 169 9.21 -5.33 22.65
CA LYS C 169 9.17 -5.35 22.62
C LYS C 169 10.00 -3.98 22.72
N ARG C 170 10.23 -3.54 21.50
CA ARG C 170 9.36 -2.47 20.99
C ARG C 170 9.07 -1.35 21.97
N GLY C 171 7.80 -1.14 22.34
CA GLY C 171 7.43 -0.53 23.61
C GLY C 171 7.99 -1.37 24.75
N GLN C 172 8.61 -0.70 25.72
CA GLN C 172 9.99 -0.74 25.90
CA GLN C 172 10.05 -0.70 25.87
C GLN C 172 10.48 -1.60 27.06
N GLU C 173 10.96 -2.79 26.69
CA GLU C 173 11.44 -3.75 27.64
C GLU C 173 12.72 -3.21 28.28
N MET C 174 12.84 -1.89 28.28
CA MET C 174 14.12 -1.20 28.43
C MET C 174 15.03 -1.49 27.24
N MET C 175 16.05 -2.31 27.40
CA MET C 175 16.87 -2.72 26.25
C MET C 175 17.86 -3.83 26.67
N GLY C 176 17.73 -5.03 26.08
CA GLY C 176 18.83 -6.01 26.00
C GLY C 176 19.74 -5.80 24.79
N LEU C 177 20.17 -4.55 24.59
CA LEU C 177 20.94 -4.14 23.44
C LEU C 177 22.41 -4.21 23.81
N HIS C 178 23.17 -5.06 23.12
CA HIS C 178 24.60 -5.19 23.32
C HIS C 178 25.41 -4.69 22.11
N ASN C 179 24.77 -4.63 20.93
CA ASN C 179 25.47 -4.35 19.66
C ASN C 179 26.11 -2.98 19.66
N TRP C 180 27.38 -2.89 19.27
CA TRP C 180 28.09 -1.58 19.31
C TRP C 180 27.57 -0.50 18.35
N VAL C 181 27.17 -0.88 17.14
CA VAL C 181 26.42 -0.02 16.22
C VAL C 181 25.06 0.47 16.78
N GLN C 182 24.25 -0.41 17.38
CA GLN C 182 23.03 0.06 18.03
C GLN C 182 23.31 1.04 19.20
N PHE C 183 24.21 0.65 20.11
CA PHE C 183 24.82 1.53 21.11
C PHE C 183 25.27 2.88 20.48
N TYR C 184 26.11 2.83 19.45
CA TYR C 184 26.50 4.07 18.79
C TYR C 184 25.34 5.01 18.41
N LEU C 185 24.44 4.54 17.54
CA LEU C 185 23.31 5.35 17.05
C LEU C 185 22.34 5.80 18.15
N GLN C 186 22.05 4.90 19.10
CA GLN C 186 21.18 5.26 20.24
C GLN C 186 21.81 6.24 21.23
N GLU C 187 23.14 6.17 21.37
CA GLU C 187 23.94 7.16 22.10
C GLU C 187 23.92 8.54 21.45
N LYS C 188 23.94 8.59 20.11
CA LYS C 188 23.81 9.87 19.41
C LYS C 188 22.43 10.49 19.62
N ARG C 189 21.42 9.63 19.72
CA ARG C 189 20.02 10.03 19.92
C ARG C 189 19.77 10.56 21.31
N LYS C 190 20.75 10.39 22.21
CA LYS C 190 20.61 10.75 23.64
C LYS C 190 19.58 9.83 24.31
N ASN C 191 19.50 8.61 23.82
CA ASN C 191 18.63 7.62 24.42
C ASN C 191 19.48 6.78 25.37
N ILE C 192 20.72 6.52 24.92
CA ILE C 192 21.77 5.83 25.69
C ILE C 192 22.53 6.85 26.49
N ASP C 193 22.77 6.53 27.76
CA ASP C 193 23.63 7.35 28.59
C ASP C 193 24.68 6.46 29.20
N TYR C 194 25.92 6.62 28.76
CA TYR C 194 26.99 5.74 29.16
C TYR C 194 27.38 6.09 30.58
N LYS C 195 27.41 5.10 31.47
CA LYS C 195 27.70 5.33 32.88
C LYS C 195 29.10 4.88 33.25
N GLY C 196 29.74 4.09 32.41
CA GLY C 196 31.04 3.58 32.78
C GLY C 196 31.23 2.11 32.46
N TYR C 197 32.41 1.60 32.83
CA TYR C 197 32.75 0.22 32.53
C TYR C 197 32.86 -0.58 33.80
N VAL C 198 32.90 -1.90 33.66
CA VAL C 198 32.91 -2.79 34.84
C VAL C 198 33.95 -3.87 34.65
N ALA C 199 34.85 -4.01 35.61
CA ALA C 199 35.79 -5.11 35.60
C ALA C 199 35.24 -6.30 36.40
N ARG C 200 35.87 -7.46 36.25
CA ARG C 200 35.56 -8.64 37.07
C ARG C 200 36.15 -8.53 38.50
N GLN C 201 36.76 -7.38 38.78
CA GLN C 201 37.30 -6.95 40.10
C GLN C 201 38.64 -7.59 40.47
N ASN C 202 38.94 -8.73 39.84
CA ASN C 202 40.28 -9.29 39.84
C ASN C 202 41.01 -8.73 38.62
N LYS C 203 40.70 -7.47 38.28
CA LYS C 203 41.03 -6.87 36.99
C LYS C 203 41.18 -5.35 37.10
N SER C 204 42.03 -4.75 36.26
CA SER C 204 42.17 -3.28 36.20
C SER C 204 41.38 -2.65 35.04
N ARG C 205 41.57 -1.34 34.82
CA ARG C 205 40.93 -0.61 33.72
CA ARG C 205 40.87 -0.65 33.74
C ARG C 205 41.06 -1.36 32.40
N PRO C 206 39.97 -1.47 31.61
CA PRO C 206 40.16 -2.08 30.30
C PRO C 206 40.91 -1.12 29.39
N ASP C 207 41.55 -1.70 28.37
CA ASP C 207 42.27 -0.97 27.35
C ASP C 207 41.29 -0.39 26.29
N GLU C 208 41.54 0.84 25.87
CA GLU C 208 40.75 1.55 24.84
C GLU C 208 40.64 0.81 23.49
N ASP C 209 41.51 -0.18 23.29
CA ASP C 209 41.55 -0.95 22.06
C ASP C 209 40.86 -2.30 22.21
N ASP C 210 40.35 -2.59 23.40
CA ASP C 210 39.70 -3.88 23.68
C ASP C 210 38.45 -4.04 22.84
N GLN C 211 38.37 -5.17 22.14
CA GLN C 211 37.27 -5.43 21.22
C GLN C 211 36.14 -6.18 21.90
N VAL C 212 36.25 -6.30 23.23
CA VAL C 212 35.15 -6.77 24.07
C VAL C 212 35.22 -6.08 25.43
N LEU C 213 34.20 -5.29 25.71
CA LEU C 213 34.11 -4.51 26.93
C LEU C 213 32.83 -4.77 27.70
N ASN C 214 32.93 -4.80 29.03
CA ASN C 214 31.78 -4.69 29.95
C ASN C 214 31.34 -3.24 30.18
N LEU C 215 30.23 -2.86 29.56
CA LEU C 215 29.72 -1.49 29.63
C LEU C 215 28.41 -1.40 30.41
N GLN C 216 28.22 -0.24 31.04
CA GLN C 216 27.00 0.11 31.72
C GLN C 216 26.44 1.38 31.11
N PHE C 217 25.15 1.34 30.76
CA PHE C 217 24.43 2.53 30.27
C PHE C 217 22.98 2.54 30.71
N ASN C 218 22.45 3.73 31.00
CA ASN C 218 20.98 3.89 31.25
C ASN C 218 20.24 3.94 29.89
N TRP C 219 19.06 3.35 29.84
CA TRP C 219 18.13 3.59 28.73
C TRP C 219 17.05 4.61 29.13
N LYS C 220 16.89 5.71 28.39
CA LYS C 220 15.86 6.72 28.78
C LYS C 220 15.79 6.99 30.30
N GLU C 221 16.90 7.47 30.89
CA GLU C 221 16.98 7.74 32.34
C GLU C 221 17.02 6.48 33.25
N MET C 222 16.72 5.30 32.71
CA MET C 222 16.59 4.07 33.51
C MET C 222 17.95 3.39 33.72
N VAL C 223 18.40 3.26 34.97
CA VAL C 223 19.70 2.57 35.20
C VAL C 223 19.46 1.05 35.11
N LYS C 224 20.43 0.30 34.59
CA LYS C 224 20.24 -1.15 34.36
C LYS C 224 21.54 -1.98 34.47
N PRO C 225 21.43 -3.34 34.48
CA PRO C 225 22.69 -4.06 34.61
C PRO C 225 23.67 -3.76 33.49
N VAL C 226 24.94 -3.69 33.85
CA VAL C 226 26.10 -3.88 32.97
C VAL C 226 25.90 -5.08 32.04
N GLY C 227 26.49 -4.99 30.85
CA GLY C 227 26.57 -6.14 29.94
C GLY C 227 27.76 -5.99 28.95
N SER C 228 28.18 -7.11 28.38
CA SER C 228 29.28 -7.18 27.39
C SER C 228 28.89 -7.00 25.93
N SER C 229 29.74 -6.25 25.23
CA SER C 229 29.56 -5.92 23.85
C SER C 229 30.88 -6.22 23.11
N PHE C 230 30.81 -6.82 21.92
CA PHE C 230 31.90 -6.78 20.95
C PHE C 230 31.97 -5.40 20.40
N ILE C 231 33.19 -4.95 20.09
CA ILE C 231 33.38 -3.58 19.63
C ILE C 231 34.25 -3.60 18.37
N GLY C 232 33.74 -3.04 17.28
CA GLY C 232 34.53 -2.88 16.03
C GLY C 232 34.11 -3.92 15.02
N VAL C 233 33.66 -5.05 15.55
CA VAL C 233 33.13 -6.20 14.84
C VAL C 233 32.11 -5.84 13.73
N SER C 234 32.05 -6.62 12.65
CA SER C 234 31.01 -6.45 11.61
C SER C 234 29.71 -7.11 12.08
N PRO C 235 28.55 -6.73 11.49
CA PRO C 235 27.32 -7.39 11.85
C PRO C 235 27.30 -8.82 11.38
N GLU C 236 27.96 -9.13 10.26
CA GLU C 236 28.01 -10.52 9.78
C GLU C 236 28.77 -11.45 10.72
N PHE C 237 29.71 -10.89 11.43
CA PHE C 237 30.46 -11.67 12.41
C PHE C 237 29.60 -12.09 13.61
N GLU C 238 28.85 -11.14 14.15
CA GLU C 238 27.94 -11.40 15.25
C GLU C 238 26.79 -12.33 14.86
N PHE C 239 26.13 -12.03 13.75
CA PHE C 239 25.09 -12.87 13.13
C PHE C 239 25.64 -14.29 12.96
N ALA C 240 26.88 -14.35 12.45
CA ALA C 240 27.59 -15.63 12.30
C ALA C 240 27.65 -16.45 13.60
N LEU C 241 28.23 -15.87 14.66
CA LEU C 241 28.40 -16.62 15.92
C LEU C 241 27.08 -17.03 16.52
N TYR C 242 26.13 -16.11 16.52
CA TYR C 242 24.80 -16.38 17.08
C TYR C 242 24.02 -17.44 16.30
N THR C 243 24.20 -17.50 14.98
CA THR C 243 23.51 -18.51 14.13
C THR C 243 24.01 -19.93 14.48
N ILE C 244 25.34 -20.04 14.46
CA ILE C 244 26.04 -21.30 14.74
C ILE C 244 25.66 -21.87 16.12
N VAL C 245 25.61 -21.00 17.13
CA VAL C 245 25.27 -21.38 18.50
C VAL C 245 23.76 -21.66 18.71
N PHE C 246 22.91 -20.89 18.02
CA PHE C 246 21.47 -21.21 17.99
C PHE C 246 21.29 -22.64 17.45
N LEU C 247 21.94 -22.92 16.32
CA LEU C 247 21.83 -24.23 15.66
C LEU C 247 22.45 -25.40 16.43
N ALA C 248 23.48 -25.09 17.23
CA ALA C 248 24.36 -26.10 17.86
C ALA C 248 23.64 -27.06 18.81
N SER C 249 22.48 -26.67 19.31
CA SER C 249 21.63 -27.55 20.15
C SER C 249 20.17 -27.11 20.15
N GLN C 250 19.32 -27.93 20.74
CA GLN C 250 17.89 -27.75 20.80
CA GLN C 250 17.90 -27.64 20.78
C GLN C 250 17.46 -27.30 22.19
N GLU C 251 18.41 -26.75 22.93
CA GLU C 251 18.18 -26.28 24.30
C GLU C 251 17.37 -24.98 24.32
N LYS C 252 16.78 -24.68 25.48
CA LYS C 252 16.07 -23.44 25.76
C LYS C 252 17.04 -22.26 25.81
N MET C 253 18.25 -22.52 26.30
CA MET C 253 19.36 -21.55 26.27
C MET C 253 20.69 -22.29 26.19
N SER C 254 21.63 -21.76 25.39
CA SER C 254 23.00 -22.27 25.33
C SER C 254 24.01 -21.23 25.78
N ARG C 255 24.97 -21.67 26.60
CA ARG C 255 26.05 -20.83 27.07
C ARG C 255 27.39 -21.49 26.71
N GLU C 256 27.88 -21.16 25.52
CA GLU C 256 29.11 -21.76 25.00
C GLU C 256 30.31 -20.98 25.49
N VAL C 257 31.26 -21.69 26.10
CA VAL C 257 32.51 -21.07 26.53
C VAL C 257 33.51 -21.19 25.41
N VAL C 258 34.05 -20.05 25.02
CA VAL C 258 34.93 -19.95 23.86
C VAL C 258 36.09 -19.00 24.16
N ARG C 259 37.22 -19.23 23.51
CA ARG C 259 38.35 -18.30 23.60
C ARG C 259 38.46 -17.59 22.28
N LEU C 260 37.94 -16.38 22.21
CA LEU C 260 38.05 -15.61 20.98
C LEU C 260 39.33 -14.76 21.04
N GLU C 261 40.39 -15.29 20.42
CA GLU C 261 41.74 -14.73 20.47
C GLU C 261 42.26 -14.40 21.88
N GLU C 262 42.27 -13.11 22.24
CA GLU C 262 42.74 -12.67 23.57
C GLU C 262 41.69 -12.89 24.68
N TYR C 263 40.41 -12.72 24.35
CA TYR C 263 39.29 -12.70 25.32
C TYR C 263 38.74 -14.09 25.56
N GLU C 264 38.44 -14.52 26.78
CA GLU C 264 37.64 -15.72 27.10
C GLU C 264 36.17 -15.35 27.18
N LEU C 265 35.48 -15.75 26.25
CA LEU C 265 34.11 -15.33 26.18
C LEU C 265 33.16 -16.42 26.60
N GLN C 266 31.92 -16.01 26.74
CA GLN C 266 30.82 -16.91 26.78
C GLN C 266 29.83 -16.39 25.77
N ILE C 267 29.35 -17.26 24.90
CA ILE C 267 28.39 -16.91 23.88
C ILE C 267 27.02 -17.51 24.18
N VAL C 268 26.15 -16.65 24.64
CA VAL C 268 24.82 -17.03 25.10
C VAL C 268 23.81 -16.66 24.02
N VAL C 269 22.96 -17.63 23.72
CA VAL C 269 21.82 -17.45 22.84
C VAL C 269 20.58 -18.03 23.54
N ASN C 270 19.49 -17.28 23.53
CA ASN C 270 18.22 -17.86 23.91
CA ASN C 270 18.28 -17.87 23.99
C ASN C 270 17.51 -18.36 22.68
N ARG C 271 16.63 -19.32 22.89
CA ARG C 271 15.97 -19.96 21.77
C ARG C 271 14.49 -19.97 21.98
N HIS C 272 13.75 -19.67 20.91
CA HIS C 272 12.32 -19.79 20.98
C HIS C 272 11.85 -20.72 19.86
N GLY C 273 11.52 -21.96 20.21
CA GLY C 273 11.31 -23.01 19.23
C GLY C 273 12.39 -23.01 18.16
N ARG C 274 11.99 -22.61 16.96
CA ARG C 274 12.82 -22.60 15.76
C ARG C 274 13.47 -21.21 15.55
N TYR C 275 13.19 -20.29 16.48
CA TYR C 275 13.53 -18.88 16.35
C TYR C 275 14.50 -18.50 17.46
N ILE C 276 15.40 -17.56 17.17
CA ILE C 276 16.41 -17.08 18.08
C ILE C 276 15.90 -15.93 18.91
N GLY C 277 16.13 -16.02 20.22
CA GLY C 277 15.78 -14.97 21.18
C GLY C 277 16.98 -14.05 21.35
N THR C 278 17.08 -13.47 22.54
CA THR C 278 18.20 -12.63 22.90
C THR C 278 19.50 -13.46 22.94
N ALA C 279 20.52 -12.93 22.29
CA ALA C 279 21.83 -13.54 22.23
C ALA C 279 22.79 -12.38 22.47
N TYR C 280 23.92 -12.66 23.13
CA TYR C 280 24.93 -11.65 23.53
C TYR C 280 26.20 -12.34 24.08
N PRO C 281 27.35 -11.61 24.14
CA PRO C 281 28.47 -12.20 24.83
C PRO C 281 28.50 -11.87 26.31
N VAL C 282 29.23 -12.69 27.06
CA VAL C 282 29.55 -12.46 28.46
C VAL C 282 31.06 -12.57 28.60
N LEU C 283 31.72 -11.46 28.94
CA LEU C 283 33.18 -11.44 29.08
C LEU C 283 33.59 -12.08 30.41
N LEU C 284 34.42 -13.11 30.33
CA LEU C 284 34.97 -13.76 31.51
C LEU C 284 36.38 -13.24 31.86
N SER C 285 37.30 -13.23 30.90
CA SER C 285 38.58 -12.55 31.12
C SER C 285 39.17 -12.02 29.82
N THR C 286 40.02 -11.00 29.94
CA THR C 286 40.90 -10.61 28.84
C THR C 286 42.28 -11.28 29.02
N ASN C 287 42.33 -12.14 30.04
CA ASN C 287 42.79 -13.54 29.83
C ASN C 287 43.95 -14.09 30.68
P PO4 D . -8.17 10.57 -22.96
O1 PO4 D . -8.33 10.01 -21.59
O2 PO4 D . -9.49 11.07 -23.46
O3 PO4 D . -7.14 11.66 -22.92
O4 PO4 D . -7.80 9.45 -23.88
P PO4 E . -1.14 -0.37 3.38
O1 PO4 E . -0.93 0.44 4.64
O2 PO4 E . -2.64 -0.48 3.11
O3 PO4 E . -0.45 0.26 2.18
O4 PO4 E . -0.60 -1.76 3.65
P PO4 F . 14.29 -13.81 25.30
O1 PO4 F . 14.57 -12.62 26.16
O2 PO4 F . 13.07 -13.53 24.47
O3 PO4 F . 15.45 -14.11 24.40
O4 PO4 F . 13.98 -15.03 26.13
#